data_4Q2X
#
_entry.id   4Q2X
#
_cell.length_a   75.393
_cell.length_b   109.310
_cell.length_c   175.011
_cell.angle_alpha   90.000
_cell.angle_beta   90.000
_cell.angle_gamma   90.000
#
_symmetry.space_group_name_H-M   'P 21 21 21'
#
loop_
_entity.id
_entity.type
_entity.pdbx_description
1 polymer 'Arginine--tRNA ligase, cytoplasmic'
2 non-polymer L-CANAVANINE
3 water water
#
_entity_poly.entity_id   1
_entity_poly.type   'polypeptide(L)'
_entity_poly.pdbx_seq_one_letter_code
;HHHHHHSSGLVPRGSHMASMINIISRLQEVFGHAIKAAYPDLENPPLLVTPSQQAKFGDYQCNSAMGISQMLKTKEQKVN
PREIAENITKHLPDNECIEKVEIAGPGFINVHLRKDFVSEQLTSLLVNGVQLPALGENKKVIVDFSSPNIAKEMHVGHLR
STIIGESISRLFEFAGYDVLRLNHVGDWGTQFGMLIAHLQDKFPDYLTVSPPIGDLQVFYKESKKRFDTEEEFKKRAYQC
VVLLQGKNPDITKAWKLICDVSRQELNKIYDALDVSLIERGESFYQDRMNDIVKEFEDRGFVQVDDGRKIVFVPGCSIPL
TIVKSDGGYTYDTSDLAAIKQRLFEEKADMIIYVVDNGQSVHFQTIFAAAQMIGWYDPKVTRVFHAGFGVVLGEDKKKFK
TRSGETVRLMDLLGEGLKRSMDKLKEKERDKVLTAEELNAAQTSVAYGCIKYADLSRNRLNDYIFSFDKMLDDRGNTAAY
LLYAFTRIRSIARLANIDEEMLQKAARETKILLDHEKEWKLGRCILRFPEILQKILDDLFLHTLCDYIYELATAFTEFYD
SCYCVEKDRQTGKILKVNMWRMLLCEAVAAVMAKGFDILGIKPVQRM
;
_entity_poly.pdbx_strand_id   A,B
#
# COMPACT_ATOMS: atom_id res chain seq x y z
N ALA A 18 -38.96 13.57 -8.00
CA ALA A 18 -38.23 13.74 -9.26
C ALA A 18 -36.74 13.54 -9.05
N SER A 19 -36.21 14.12 -7.95
CA SER A 19 -34.80 14.05 -7.49
C SER A 19 -33.78 14.93 -8.28
N MET A 20 -32.77 15.45 -7.57
CA MET A 20 -31.89 16.46 -8.14
C MET A 20 -31.00 15.92 -9.24
N ILE A 21 -30.37 16.84 -9.97
CA ILE A 21 -29.56 16.51 -11.13
C ILE A 21 -28.10 16.81 -10.90
N ASN A 22 -27.26 15.80 -11.08
CA ASN A 22 -25.84 16.10 -11.12
C ASN A 22 -25.56 16.85 -12.42
N ILE A 23 -25.43 18.16 -12.32
CA ILE A 23 -25.22 18.98 -13.50
C ILE A 23 -23.88 18.67 -14.18
N ILE A 24 -22.85 18.43 -13.38
CA ILE A 24 -21.54 18.06 -13.92
C ILE A 24 -21.63 16.76 -14.73
N SER A 25 -22.35 15.76 -14.21
CA SER A 25 -22.47 14.51 -14.93
C SER A 25 -23.29 14.73 -16.21
N ARG A 26 -24.17 15.72 -16.19
CA ARG A 26 -25.04 15.97 -17.34
C ARG A 26 -24.20 16.63 -18.43
N LEU A 27 -23.50 17.70 -18.08
CA LEU A 27 -22.64 18.38 -19.02
C LEU A 27 -21.57 17.42 -19.56
N GLN A 28 -21.12 16.48 -18.75
CA GLN A 28 -20.18 15.47 -19.25
C GLN A 28 -20.83 14.57 -20.28
N GLU A 29 -22.11 14.25 -20.13
CA GLU A 29 -22.81 13.43 -21.14
C GLU A 29 -22.88 14.17 -22.49
N VAL A 30 -23.24 15.45 -22.45
CA VAL A 30 -23.47 16.18 -23.71
C VAL A 30 -22.18 16.64 -24.35
N PHE A 31 -21.06 16.55 -23.64
CA PHE A 31 -19.81 16.93 -24.28
C PHE A 31 -19.18 15.71 -24.90
N GLY A 32 -19.35 14.55 -24.25
CA GLY A 32 -18.89 13.29 -24.80
C GLY A 32 -19.67 12.91 -26.07
N HIS A 33 -20.93 13.35 -26.15
CA HIS A 33 -21.71 13.20 -27.38
C HIS A 33 -21.06 14.09 -28.43
N ALA A 34 -20.79 15.33 -28.03
CA ALA A 34 -20.26 16.35 -28.92
C ALA A 34 -18.82 16.08 -29.34
N ILE A 35 -18.08 15.35 -28.50
CA ILE A 35 -16.69 15.01 -28.80
C ILE A 35 -16.61 13.78 -29.69
N LYS A 36 -17.44 12.78 -29.41
CA LYS A 36 -17.56 11.61 -30.28
C LYS A 36 -17.93 12.04 -31.70
N ALA A 37 -18.63 13.15 -31.83
CA ALA A 37 -19.05 13.62 -33.14
C ALA A 37 -17.89 14.32 -33.88
N ALA A 38 -17.04 15.00 -33.11
CA ALA A 38 -15.99 15.83 -33.69
C ALA A 38 -14.69 15.04 -33.84
N TYR A 39 -14.53 14.03 -33.01
CA TYR A 39 -13.39 13.15 -33.14
C TYR A 39 -13.83 11.75 -32.77
N PRO A 40 -14.55 11.09 -33.68
CA PRO A 40 -15.06 9.73 -33.41
C PRO A 40 -13.96 8.67 -33.38
N ASP A 41 -12.80 8.99 -33.95
CA ASP A 41 -11.72 8.01 -34.05
C ASP A 41 -10.82 8.02 -32.80
N LEU A 42 -11.11 8.94 -31.89
CA LEU A 42 -10.36 9.05 -30.63
C LEU A 42 -10.97 8.13 -29.54
N GLU A 43 -10.13 7.72 -28.59
CA GLU A 43 -10.54 6.75 -27.59
C GLU A 43 -10.37 7.33 -26.21
N ASN A 44 -11.47 7.34 -25.46
CA ASN A 44 -11.49 7.85 -24.07
C ASN A 44 -10.80 9.22 -23.95
N PRO A 45 -11.50 10.29 -24.38
CA PRO A 45 -11.00 11.66 -24.24
C PRO A 45 -11.40 12.25 -22.90
N PRO A 46 -10.65 13.25 -22.43
CA PRO A 46 -10.95 13.88 -21.14
C PRO A 46 -12.28 14.63 -21.13
N LEU A 47 -13.12 14.34 -20.15
CA LEU A 47 -14.35 15.10 -19.98
C LEU A 47 -14.29 15.86 -18.67
N LEU A 48 -13.32 16.76 -18.59
CA LEU A 48 -13.14 17.58 -17.41
C LEU A 48 -14.08 18.78 -17.41
N VAL A 49 -15.23 18.62 -16.75
CA VAL A 49 -16.21 19.70 -16.55
C VAL A 49 -16.19 20.20 -15.10
N THR A 50 -15.98 21.50 -14.93
CA THR A 50 -15.84 22.06 -13.58
C THR A 50 -16.67 23.33 -13.40
N PRO A 51 -17.09 23.61 -12.16
CA PRO A 51 -17.86 24.84 -11.97
C PRO A 51 -16.99 26.07 -12.15
N SER A 52 -17.47 27.06 -12.91
CA SER A 52 -16.75 28.31 -13.03
C SER A 52 -16.91 29.10 -11.71
N GLN A 53 -15.80 29.42 -11.07
CA GLN A 53 -15.91 30.13 -9.80
C GLN A 53 -15.70 31.63 -10.01
N GLN A 54 -16.35 32.16 -11.04
CA GLN A 54 -16.37 33.59 -11.35
C GLN A 54 -17.57 33.92 -12.25
N ALA A 55 -18.16 35.09 -12.01
CA ALA A 55 -19.40 35.48 -12.67
C ALA A 55 -19.33 35.38 -14.19
N LYS A 56 -18.31 36.00 -14.77
CA LYS A 56 -18.19 36.17 -16.21
C LYS A 56 -17.93 34.89 -17.02
N PHE A 57 -17.17 33.95 -16.46
CA PHE A 57 -16.70 32.77 -17.21
C PHE A 57 -17.82 31.73 -17.41
N GLY A 58 -19.05 32.09 -17.04
CA GLY A 58 -20.15 31.14 -17.13
C GLY A 58 -20.41 30.44 -15.80
N ASP A 59 -21.12 29.33 -15.86
CA ASP A 59 -21.55 28.67 -14.64
C ASP A 59 -20.77 27.36 -14.44
N TYR A 60 -20.32 26.78 -15.57
CA TYR A 60 -19.45 25.60 -15.62
C TYR A 60 -18.47 25.76 -16.75
N GLN A 61 -17.30 25.17 -16.56
CA GLN A 61 -16.21 25.22 -17.53
C GLN A 61 -15.89 23.82 -18.03
N CYS A 62 -15.54 23.69 -19.31
CA CYS A 62 -15.05 22.42 -19.82
C CYS A 62 -13.63 22.51 -20.41
N ASN A 63 -12.66 21.95 -19.68
CA ASN A 63 -11.26 21.93 -20.10
C ASN A 63 -10.97 20.58 -20.73
N SER A 64 -11.33 20.46 -22.00
CA SER A 64 -11.33 19.15 -22.64
C SER A 64 -10.57 19.22 -23.94
N ALA A 65 -10.54 20.41 -24.53
CA ALA A 65 -9.69 20.65 -25.67
C ALA A 65 -8.24 20.72 -25.18
N MET A 66 -8.09 20.78 -23.87
CA MET A 66 -6.78 20.77 -23.23
C MET A 66 -6.10 19.43 -23.47
N GLY A 67 -6.70 18.38 -22.93
CA GLY A 67 -6.15 17.05 -23.05
C GLY A 67 -6.35 16.42 -24.41
N ILE A 68 -7.34 16.89 -25.16
CA ILE A 68 -7.59 16.34 -26.48
C ILE A 68 -6.50 16.77 -27.44
N SER A 69 -6.00 17.99 -27.28
CA SER A 69 -4.90 18.43 -28.14
C SER A 69 -3.67 17.57 -27.88
N GLN A 70 -3.40 17.31 -26.60
CA GLN A 70 -2.20 16.58 -26.18
C GLN A 70 -2.22 15.08 -26.54
N MET A 71 -3.40 14.53 -26.78
CA MET A 71 -3.54 13.13 -27.23
C MET A 71 -3.22 13.03 -28.72
N LEU A 72 -3.52 14.10 -29.43
CA LEU A 72 -3.30 14.18 -30.88
C LEU A 72 -1.88 14.69 -31.15
N LYS A 73 -1.16 15.03 -30.08
CA LYS A 73 0.18 15.56 -30.22
C LYS A 73 1.04 14.51 -30.86
N THR A 74 2.02 14.98 -31.63
CA THR A 74 2.92 14.12 -32.38
C THR A 74 4.30 14.79 -32.36
N LYS A 75 5.34 14.06 -32.78
CA LYS A 75 6.72 14.54 -32.67
C LYS A 75 6.94 16.00 -33.16
N GLU A 76 6.40 16.32 -34.33
CA GLU A 76 6.57 17.64 -34.96
C GLU A 76 5.28 18.41 -35.26
N GLN A 77 4.17 18.02 -34.64
CA GLN A 77 2.87 18.68 -34.87
C GLN A 77 2.05 18.82 -33.59
N LYS A 78 1.70 20.07 -33.28
CA LYS A 78 0.92 20.37 -32.09
C LYS A 78 -0.36 21.12 -32.47
N VAL A 79 -1.47 20.39 -32.42
CA VAL A 79 -2.78 20.94 -32.77
C VAL A 79 -3.23 21.97 -31.75
N ASN A 80 -3.50 23.18 -32.21
CA ASN A 80 -3.91 24.27 -31.34
C ASN A 80 -5.29 24.03 -30.75
N PRO A 81 -5.39 24.09 -29.42
CA PRO A 81 -6.60 23.72 -28.68
C PRO A 81 -7.81 24.57 -29.03
N ARG A 82 -7.64 25.87 -29.25
CA ARG A 82 -8.76 26.74 -29.61
C ARG A 82 -9.54 26.25 -30.83
N GLU A 83 -8.83 25.59 -31.78
CA GLU A 83 -9.46 25.10 -33.00
C GLU A 83 -10.22 23.80 -32.72
N ILE A 84 -9.81 23.11 -31.67
CA ILE A 84 -10.49 21.89 -31.27
C ILE A 84 -11.82 22.22 -30.61
N ALA A 85 -11.75 23.12 -29.63
CA ALA A 85 -12.93 23.55 -28.89
C ALA A 85 -14.02 23.97 -29.85
N GLU A 86 -13.62 24.66 -30.92
CA GLU A 86 -14.53 25.02 -31.99
C GLU A 86 -15.16 23.77 -32.55
N ASN A 87 -14.32 22.88 -33.07
CA ASN A 87 -14.79 21.65 -33.67
C ASN A 87 -15.70 20.89 -32.68
N ILE A 88 -15.46 21.11 -31.39
CA ILE A 88 -16.28 20.49 -30.34
C ILE A 88 -17.66 21.16 -30.20
N THR A 89 -17.67 22.47 -30.05
CA THR A 89 -18.92 23.21 -29.89
C THR A 89 -19.78 23.09 -31.15
N LYS A 90 -19.12 23.02 -32.30
CA LYS A 90 -19.81 22.86 -33.57
C LYS A 90 -20.76 21.65 -33.56
N HIS A 91 -20.40 20.59 -32.84
CA HIS A 91 -21.18 19.37 -32.88
C HIS A 91 -22.02 19.16 -31.60
N LEU A 92 -22.12 20.19 -30.77
CA LEU A 92 -22.89 20.09 -29.52
C LEU A 92 -24.37 19.86 -29.80
N PRO A 93 -24.91 18.74 -29.30
CA PRO A 93 -26.31 18.38 -29.50
C PRO A 93 -27.29 19.39 -28.89
N ASP A 94 -28.58 19.14 -29.08
CA ASP A 94 -29.56 19.96 -28.41
C ASP A 94 -29.68 19.41 -27.00
N ASN A 95 -30.01 20.28 -26.07
CA ASN A 95 -29.99 19.91 -24.67
C ASN A 95 -31.20 20.48 -23.95
N GLU A 96 -31.04 20.72 -22.66
CA GLU A 96 -32.12 21.23 -21.86
C GLU A 96 -31.56 22.10 -20.74
N CYS A 97 -30.27 22.40 -20.85
CA CYS A 97 -29.59 23.12 -19.78
C CYS A 97 -28.57 24.13 -20.28
N ILE A 98 -28.26 24.11 -21.57
CA ILE A 98 -27.27 25.02 -22.12
C ILE A 98 -27.87 26.21 -22.89
N GLU A 99 -27.54 27.42 -22.47
CA GLU A 99 -27.97 28.61 -23.20
C GLU A 99 -26.95 28.90 -24.31
N LYS A 100 -25.80 29.46 -23.96
CA LYS A 100 -24.71 29.63 -24.95
C LYS A 100 -23.33 29.09 -24.49
N VAL A 101 -22.39 28.95 -25.43
CA VAL A 101 -21.03 28.50 -25.10
C VAL A 101 -19.96 29.51 -25.53
N GLU A 102 -18.98 29.76 -24.66
CA GLU A 102 -17.89 30.71 -24.96
C GLU A 102 -16.51 30.05 -24.88
N ILE A 103 -15.58 30.55 -25.70
CA ILE A 103 -14.21 30.06 -25.72
C ILE A 103 -13.24 31.15 -25.26
N ALA A 104 -12.48 30.87 -24.21
CA ALA A 104 -11.50 31.83 -23.68
C ALA A 104 -10.09 31.29 -23.77
N GLY A 105 -9.10 32.17 -23.66
CA GLY A 105 -7.69 31.78 -23.61
C GLY A 105 -7.26 30.84 -24.73
N PRO A 106 -6.82 29.63 -24.34
CA PRO A 106 -6.67 28.50 -25.26
C PRO A 106 -8.03 27.88 -25.56
N GLY A 107 -8.20 26.60 -25.27
CA GLY A 107 -9.43 25.90 -25.62
C GLY A 107 -10.40 25.68 -24.48
N PHE A 108 -10.53 26.66 -23.60
CA PHE A 108 -11.49 26.57 -22.52
C PHE A 108 -12.86 26.79 -23.13
N ILE A 109 -13.81 25.93 -22.79
CA ILE A 109 -15.17 26.13 -23.24
C ILE A 109 -16.00 26.56 -22.05
N ASN A 110 -16.38 27.84 -22.05
CA ASN A 110 -17.19 28.36 -20.96
C ASN A 110 -18.68 28.11 -21.22
N VAL A 111 -19.39 27.62 -20.19
CA VAL A 111 -20.77 27.20 -20.36
C VAL A 111 -21.78 28.03 -19.57
N HIS A 112 -22.83 28.46 -20.28
CA HIS A 112 -23.95 29.21 -19.69
C HIS A 112 -25.22 28.38 -19.57
N LEU A 113 -25.78 28.33 -18.37
CA LEU A 113 -26.97 27.55 -18.14
C LEU A 113 -28.26 28.27 -18.54
N ARG A 114 -29.25 27.51 -19.00
CA ARG A 114 -30.59 28.02 -19.24
C ARG A 114 -31.17 28.50 -17.92
N LYS A 115 -31.58 29.77 -17.87
CA LYS A 115 -32.25 30.34 -16.69
C LYS A 115 -33.47 29.49 -16.33
N ASP A 116 -34.24 29.16 -17.36
CA ASP A 116 -35.41 28.32 -17.22
C ASP A 116 -35.04 27.05 -16.48
N PHE A 117 -34.09 26.32 -17.04
CA PHE A 117 -33.61 25.07 -16.46
C PHE A 117 -33.26 25.20 -14.97
N VAL A 118 -32.42 26.18 -14.63
CA VAL A 118 -32.07 26.40 -13.24
C VAL A 118 -33.29 26.65 -12.38
N SER A 119 -34.18 27.53 -12.84
CA SER A 119 -35.43 27.87 -12.14
C SER A 119 -36.30 26.63 -11.92
N GLU A 120 -36.58 25.90 -12.98
CA GLU A 120 -37.34 24.66 -12.88
C GLU A 120 -36.72 23.70 -11.85
N GLN A 121 -35.39 23.63 -11.82
CA GLN A 121 -34.70 22.72 -10.89
C GLN A 121 -34.77 23.22 -9.46
N LEU A 122 -34.63 24.52 -9.27
CA LEU A 122 -34.80 25.10 -7.95
C LEU A 122 -36.17 24.73 -7.39
N THR A 123 -37.21 24.85 -8.23
CA THR A 123 -38.56 24.49 -7.83
C THR A 123 -38.68 23.03 -7.43
N SER A 124 -38.18 22.15 -8.32
CA SER A 124 -38.37 20.70 -8.21
C SER A 124 -37.93 20.11 -6.86
N LEU A 125 -36.94 20.75 -6.23
CA LEU A 125 -36.43 20.28 -4.94
C LEU A 125 -37.19 20.91 -3.77
N LEU A 126 -38.15 21.78 -4.08
CA LEU A 126 -38.97 22.39 -3.05
C LEU A 126 -40.28 21.61 -2.93
N VAL A 127 -40.74 21.05 -4.05
CA VAL A 127 -42.00 20.31 -4.05
C VAL A 127 -41.75 18.82 -3.85
N ASN A 128 -40.83 18.27 -4.65
CA ASN A 128 -40.46 16.87 -4.49
C ASN A 128 -39.46 16.70 -3.35
N GLY A 129 -38.67 17.75 -3.11
CA GLY A 129 -37.76 17.77 -1.97
C GLY A 129 -36.35 17.39 -2.35
N VAL A 130 -35.43 17.61 -1.41
CA VAL A 130 -34.01 17.29 -1.59
C VAL A 130 -33.83 15.78 -1.40
N GLN A 131 -33.72 15.08 -2.52
CA GLN A 131 -33.46 13.64 -2.50
C GLN A 131 -32.62 13.37 -3.72
N LEU A 132 -31.74 12.37 -3.63
CA LEU A 132 -30.88 12.01 -4.74
C LEU A 132 -31.57 10.98 -5.66
N PRO A 133 -31.16 10.95 -6.94
CA PRO A 133 -31.68 10.01 -7.92
C PRO A 133 -31.45 8.56 -7.53
N ALA A 134 -30.30 8.33 -6.91
CA ALA A 134 -29.87 7.00 -6.46
C ALA A 134 -29.48 6.07 -7.61
N LEU A 135 -29.42 4.77 -7.30
CA LEU A 135 -28.85 3.80 -8.23
C LEU A 135 -29.87 2.95 -9.01
N GLY A 136 -29.38 2.30 -10.07
CA GLY A 136 -30.13 1.28 -10.79
C GLY A 136 -29.78 -0.14 -10.30
N GLU A 137 -28.86 -0.23 -9.34
CA GLU A 137 -28.62 -1.48 -8.61
C GLU A 137 -28.40 -1.18 -7.13
N ASN A 138 -28.81 -2.11 -6.26
CA ASN A 138 -28.63 -1.91 -4.83
C ASN A 138 -27.35 -2.53 -4.32
N LYS A 139 -26.31 -1.71 -4.33
CA LYS A 139 -25.01 -2.11 -3.81
C LYS A 139 -24.98 -2.08 -2.26
N LYS A 140 -24.06 -2.83 -1.69
CA LYS A 140 -23.99 -2.99 -0.24
C LYS A 140 -22.67 -2.45 0.29
N VAL A 141 -22.73 -1.30 0.93
CA VAL A 141 -21.54 -0.68 1.52
C VAL A 141 -21.38 -1.08 2.98
N ILE A 142 -20.21 -1.60 3.33
CA ILE A 142 -19.95 -1.93 4.73
C ILE A 142 -18.95 -0.95 5.32
N VAL A 143 -19.35 -0.29 6.41
CA VAL A 143 -18.47 0.70 7.01
C VAL A 143 -18.07 0.29 8.41
N ASP A 144 -16.75 0.24 8.57
CA ASP A 144 -16.09 -0.24 9.75
C ASP A 144 -15.55 0.95 10.52
N PHE A 145 -16.21 1.32 11.61
CA PHE A 145 -15.81 2.55 12.30
C PHE A 145 -16.09 2.57 13.78
N SER A 146 -15.51 3.59 14.41
CA SER A 146 -15.38 3.72 15.86
C SER A 146 -14.39 2.71 16.41
N SER A 147 -14.88 1.51 16.69
CA SER A 147 -14.04 0.36 17.10
C SER A 147 -13.11 0.62 18.31
N PRO A 148 -13.69 0.96 19.47
CA PRO A 148 -12.80 1.14 20.62
C PRO A 148 -12.31 -0.20 21.14
N ASN A 149 -11.33 -0.20 22.04
CA ASN A 149 -10.93 -1.47 22.66
C ASN A 149 -11.53 -1.62 24.04
N ILE A 150 -12.32 -2.67 24.22
CA ILE A 150 -12.93 -2.99 25.50
C ILE A 150 -11.86 -2.99 26.59
N ALA A 151 -12.23 -2.53 27.78
CA ALA A 151 -11.36 -2.52 28.97
C ALA A 151 -10.28 -1.46 28.90
N LYS A 152 -10.12 -0.85 27.73
CA LYS A 152 -9.29 0.32 27.62
C LYS A 152 -10.19 1.50 27.29
N GLU A 153 -9.75 2.70 27.66
CA GLU A 153 -10.56 3.89 27.45
C GLU A 153 -10.85 4.10 25.96
N MET A 154 -12.03 4.61 25.63
CA MET A 154 -12.26 5.05 24.25
C MET A 154 -11.55 6.38 24.10
N HIS A 155 -10.63 6.48 23.13
CA HIS A 155 -9.80 7.69 23.01
C HIS A 155 -10.15 8.52 21.78
N VAL A 156 -9.57 9.72 21.71
CA VAL A 156 -9.97 10.69 20.68
C VAL A 156 -9.79 10.19 19.25
N GLY A 157 -8.91 9.23 19.05
CA GLY A 157 -8.69 8.73 17.71
C GLY A 157 -9.84 7.85 17.31
N HIS A 158 -10.38 7.15 18.32
CA HIS A 158 -11.61 6.39 18.18
C HIS A 158 -12.78 7.33 17.93
N LEU A 159 -12.67 8.55 18.48
CA LEU A 159 -13.73 9.54 18.35
C LEU A 159 -13.83 9.99 16.91
N ARG A 160 -12.69 10.28 16.29
CA ARG A 160 -12.66 10.70 14.87
C ARG A 160 -13.36 9.69 13.98
N SER A 161 -12.93 8.44 14.13
CA SER A 161 -13.48 7.32 13.40
C SER A 161 -15.03 7.32 13.49
N THR A 162 -15.51 7.43 14.72
CA THR A 162 -16.93 7.45 15.00
C THR A 162 -17.61 8.57 14.23
N ILE A 163 -17.14 9.79 14.46
CA ILE A 163 -17.64 10.95 13.75
C ILE A 163 -17.54 10.75 12.24
N ILE A 164 -16.34 10.49 11.74
CA ILE A 164 -16.16 10.30 10.30
C ILE A 164 -16.98 9.13 9.75
N GLY A 165 -16.97 8.01 10.47
CA GLY A 165 -17.71 6.83 10.07
C GLY A 165 -19.22 7.03 10.03
N GLU A 166 -19.76 7.74 11.05
CA GLU A 166 -21.22 7.99 11.10
C GLU A 166 -21.66 8.82 9.91
N SER A 167 -20.82 9.79 9.57
CA SER A 167 -21.10 10.68 8.47
C SER A 167 -20.95 10.04 7.10
N ILE A 168 -19.95 9.15 6.97
CA ILE A 168 -19.78 8.43 5.70
C ILE A 168 -20.95 7.48 5.49
N SER A 169 -21.28 6.75 6.55
CA SER A 169 -22.43 5.85 6.49
C SER A 169 -23.64 6.64 6.00
N ARG A 170 -23.87 7.83 6.57
CA ARG A 170 -25.03 8.63 6.17
C ARG A 170 -24.99 9.12 4.74
N LEU A 171 -23.81 9.38 4.21
CA LEU A 171 -23.70 9.89 2.85
C LEU A 171 -24.10 8.81 1.84
N PHE A 172 -23.77 7.57 2.16
CA PHE A 172 -24.12 6.48 1.25
C PHE A 172 -25.56 6.09 1.44
N GLU A 173 -26.04 6.20 2.67
CA GLU A 173 -27.42 5.90 2.98
C GLU A 173 -28.29 6.85 2.17
N PHE A 174 -27.88 8.12 2.14
CA PHE A 174 -28.63 9.15 1.45
C PHE A 174 -28.47 9.00 -0.06
N ALA A 175 -27.39 8.35 -0.47
CA ALA A 175 -27.10 8.17 -1.89
C ALA A 175 -27.77 6.91 -2.44
N GLY A 176 -28.56 6.25 -1.61
CA GLY A 176 -29.31 5.11 -2.08
C GLY A 176 -28.67 3.77 -1.80
N TYR A 177 -27.52 3.76 -1.15
CA TYR A 177 -26.86 2.51 -0.87
C TYR A 177 -27.49 1.84 0.36
N ASP A 178 -27.20 0.56 0.49
CA ASP A 178 -27.56 -0.23 1.67
C ASP A 178 -26.33 -0.26 2.55
N VAL A 179 -26.45 0.19 3.79
CA VAL A 179 -25.25 0.41 4.62
C VAL A 179 -25.20 -0.39 5.90
N LEU A 180 -24.07 -1.08 6.12
CA LEU A 180 -23.90 -1.89 7.30
C LEU A 180 -22.88 -1.26 8.25
N ARG A 181 -23.36 -0.72 9.35
CA ARG A 181 -22.48 -0.06 10.28
C ARG A 181 -21.97 -1.03 11.35
N LEU A 182 -20.71 -1.43 11.21
CA LEU A 182 -20.16 -2.45 12.10
C LEU A 182 -19.14 -1.83 13.05
N ASN A 183 -19.40 -1.98 14.35
CA ASN A 183 -18.47 -1.55 15.38
C ASN A 183 -17.55 -2.71 15.66
N HIS A 184 -16.34 -2.64 15.11
CA HIS A 184 -15.40 -3.76 15.14
C HIS A 184 -14.53 -3.70 16.38
N VAL A 185 -15.13 -3.94 17.55
CA VAL A 185 -14.49 -3.61 18.81
C VAL A 185 -13.44 -4.64 19.24
N GLY A 186 -12.40 -4.13 19.90
CA GLY A 186 -11.36 -4.96 20.48
C GLY A 186 -11.88 -5.61 21.73
N ASP A 187 -12.63 -6.70 21.55
CA ASP A 187 -13.14 -7.47 22.67
C ASP A 187 -12.55 -8.89 22.74
N TRP A 188 -11.34 -9.09 22.20
CA TRP A 188 -10.70 -10.41 22.16
C TRP A 188 -9.22 -10.28 22.48
N GLY A 189 -8.85 -9.20 23.18
CA GLY A 189 -7.45 -8.97 23.50
C GLY A 189 -6.89 -9.99 24.46
N THR A 190 -5.59 -9.89 24.74
CA THR A 190 -4.96 -10.83 25.66
C THR A 190 -5.08 -10.25 27.07
N GLN A 191 -5.52 -9.00 27.13
CA GLN A 191 -5.66 -8.27 28.39
C GLN A 191 -6.86 -8.78 29.18
N PHE A 192 -7.76 -9.47 28.50
CA PHE A 192 -8.91 -10.03 29.18
C PHE A 192 -8.46 -11.07 30.21
N GLY A 193 -7.30 -11.70 29.96
CA GLY A 193 -6.79 -12.73 30.87
C GLY A 193 -6.72 -12.24 32.30
N MET A 194 -6.13 -11.08 32.51
CA MET A 194 -5.95 -10.55 33.86
C MET A 194 -7.27 -10.02 34.42
N LEU A 195 -8.14 -9.47 33.55
CA LEU A 195 -9.45 -8.96 33.98
C LEU A 195 -10.34 -10.07 34.48
N ILE A 196 -10.45 -11.13 33.68
CA ILE A 196 -11.21 -12.32 34.01
C ILE A 196 -10.64 -13.03 35.25
N ALA A 197 -9.32 -13.18 35.28
CA ALA A 197 -8.65 -13.81 36.41
C ALA A 197 -8.82 -12.95 37.64
N HIS A 198 -8.80 -11.63 37.46
CA HIS A 198 -9.05 -10.71 38.59
C HIS A 198 -10.51 -10.68 39.02
N LEU A 199 -11.39 -10.67 38.03
CA LEU A 199 -12.81 -10.66 38.29
C LEU A 199 -13.15 -11.87 39.16
N GLN A 200 -12.54 -13.01 38.84
CA GLN A 200 -12.80 -14.23 39.60
C GLN A 200 -12.25 -14.10 41.02
N ASP A 201 -11.24 -13.25 41.19
CA ASP A 201 -10.70 -13.02 42.53
C ASP A 201 -11.58 -12.00 43.26
N LYS A 202 -11.76 -10.82 42.70
CA LYS A 202 -12.48 -9.75 43.40
C LYS A 202 -13.97 -10.04 43.57
N PHE A 203 -14.53 -10.89 42.72
CA PHE A 203 -15.97 -11.14 42.75
C PHE A 203 -16.33 -12.60 42.52
N PRO A 204 -16.04 -13.49 43.51
CA PRO A 204 -16.19 -14.94 43.37
C PRO A 204 -17.63 -15.46 43.33
N ASP A 205 -18.55 -14.70 42.78
CA ASP A 205 -19.90 -15.17 42.67
C ASP A 205 -20.52 -14.58 41.42
N TYR A 206 -19.65 -14.12 40.52
CA TYR A 206 -20.08 -13.51 39.28
C TYR A 206 -21.06 -14.39 38.51
N LEU A 207 -20.89 -15.70 38.67
CA LEU A 207 -21.73 -16.66 37.96
C LEU A 207 -23.18 -16.56 38.41
N THR A 208 -23.38 -15.99 39.59
CA THR A 208 -24.70 -15.99 40.19
C THR A 208 -25.15 -14.55 40.54
N VAL A 209 -24.25 -13.78 41.16
CA VAL A 209 -24.47 -12.35 41.45
C VAL A 209 -23.72 -11.46 40.46
N SER A 210 -24.45 -10.92 39.47
CA SER A 210 -23.87 -9.99 38.49
C SER A 210 -23.06 -8.90 39.21
N PRO A 211 -21.72 -8.99 39.13
CA PRO A 211 -20.80 -8.20 39.95
C PRO A 211 -20.88 -6.72 39.68
N PRO A 212 -20.85 -5.93 40.74
CA PRO A 212 -20.76 -4.48 40.58
C PRO A 212 -19.32 -4.02 40.31
N ILE A 213 -18.91 -4.05 39.05
CA ILE A 213 -17.62 -3.48 38.70
C ILE A 213 -17.86 -2.00 38.45
N GLY A 214 -16.99 -1.16 39.00
CA GLY A 214 -17.23 0.27 38.96
C GLY A 214 -16.77 0.85 37.65
N ASP A 215 -15.85 1.80 37.74
CA ASP A 215 -15.15 2.28 36.57
C ASP A 215 -14.28 1.15 36.04
N LEU A 216 -14.45 0.85 34.76
CA LEU A 216 -13.66 -0.19 34.14
C LEU A 216 -12.15 0.14 34.09
N GLN A 217 -11.80 1.42 34.23
CA GLN A 217 -10.38 1.78 34.24
C GLN A 217 -9.73 1.52 35.59
N VAL A 218 -10.45 1.73 36.69
CA VAL A 218 -9.87 1.49 38.00
C VAL A 218 -9.71 -0.01 38.24
N PHE A 219 -10.57 -0.79 37.59
CA PHE A 219 -10.51 -2.23 37.65
C PHE A 219 -9.30 -2.77 36.87
N TYR A 220 -9.17 -2.29 35.63
CA TYR A 220 -8.06 -2.66 34.75
C TYR A 220 -6.72 -2.36 35.40
N LYS A 221 -6.69 -1.22 36.08
CA LYS A 221 -5.50 -0.76 36.79
C LYS A 221 -5.17 -1.75 37.88
N GLU A 222 -6.22 -2.15 38.61
CA GLU A 222 -6.07 -3.15 39.66
C GLU A 222 -5.43 -4.41 39.11
N SER A 223 -5.76 -4.77 37.87
CA SER A 223 -5.26 -6.00 37.28
C SER A 223 -3.80 -5.91 36.85
N LYS A 224 -3.48 -4.85 36.10
CA LYS A 224 -2.13 -4.72 35.55
C LYS A 224 -1.13 -4.56 36.68
N LYS A 225 -1.58 -4.10 37.84
CA LYS A 225 -0.71 -4.11 39.01
C LYS A 225 -0.43 -5.57 39.38
N ARG A 226 -1.48 -6.31 39.74
CA ARG A 226 -1.37 -7.75 40.03
C ARG A 226 -0.56 -8.51 38.99
N PHE A 227 -0.84 -8.26 37.70
CA PHE A 227 -0.08 -8.84 36.60
C PHE A 227 1.43 -8.56 36.72
N ASP A 228 1.80 -7.30 36.94
CA ASP A 228 3.20 -6.89 37.00
C ASP A 228 3.87 -7.26 38.34
N THR A 229 3.06 -7.59 39.33
CA THR A 229 3.53 -7.87 40.70
C THR A 229 3.65 -9.37 41.04
N GLU A 230 2.52 -10.08 40.97
CA GLU A 230 2.41 -11.47 41.40
C GLU A 230 2.65 -12.46 40.25
N GLU A 231 3.67 -13.30 40.36
CA GLU A 231 4.03 -14.19 39.26
C GLU A 231 3.02 -15.33 39.03
N GLU A 232 2.41 -15.82 40.12
CA GLU A 232 1.41 -16.89 40.02
C GLU A 232 0.07 -16.37 39.50
N PHE A 233 -0.14 -15.07 39.62
CA PHE A 233 -1.31 -14.43 39.05
C PHE A 233 -1.11 -14.28 37.56
N LYS A 234 0.12 -13.97 37.16
CA LYS A 234 0.43 -13.80 35.74
C LYS A 234 0.15 -15.07 34.95
N LYS A 235 0.53 -16.21 35.49
CA LYS A 235 0.32 -17.48 34.81
C LYS A 235 -1.17 -17.76 34.69
N ARG A 236 -1.90 -17.53 35.79
CA ARG A 236 -3.36 -17.66 35.80
C ARG A 236 -4.01 -16.85 34.69
N ALA A 237 -3.60 -15.59 34.57
CA ALA A 237 -4.12 -14.69 33.56
C ALA A 237 -3.93 -15.27 32.16
N TYR A 238 -2.70 -15.73 31.86
CA TYR A 238 -2.43 -16.27 30.53
C TYR A 238 -3.24 -17.52 30.24
N GLN A 239 -3.51 -18.28 31.29
CA GLN A 239 -4.30 -19.49 31.16
C GLN A 239 -5.77 -19.16 30.88
N CYS A 240 -6.26 -18.10 31.50
CA CYS A 240 -7.63 -17.70 31.29
C CYS A 240 -7.88 -17.37 29.82
N VAL A 241 -6.91 -16.71 29.17
CA VAL A 241 -7.04 -16.43 27.74
C VAL A 241 -7.19 -17.71 26.92
N VAL A 242 -6.33 -18.70 27.19
CA VAL A 242 -6.44 -19.97 26.48
C VAL A 242 -7.82 -20.58 26.70
N LEU A 243 -8.28 -20.55 27.94
CA LEU A 243 -9.57 -21.11 28.30
C LEU A 243 -10.72 -20.37 27.63
N LEU A 244 -10.56 -19.06 27.43
CA LEU A 244 -11.61 -18.22 26.83
C LEU A 244 -11.78 -18.55 25.34
N GLN A 245 -10.63 -18.65 24.66
CA GLN A 245 -10.55 -19.00 23.26
C GLN A 245 -11.04 -20.42 23.04
N GLY A 246 -11.06 -21.21 24.12
CA GLY A 246 -11.57 -22.57 24.09
C GLY A 246 -13.07 -22.57 24.40
N LYS A 247 -13.62 -21.37 24.51
CA LYS A 247 -15.06 -21.18 24.70
C LYS A 247 -15.55 -21.79 26.03
N ASN A 248 -14.71 -21.75 27.06
CA ASN A 248 -15.06 -22.31 28.36
C ASN A 248 -16.19 -21.54 29.04
N PRO A 249 -17.25 -22.27 29.43
CA PRO A 249 -18.45 -21.80 30.11
C PRO A 249 -18.23 -20.73 31.20
N ASP A 250 -17.59 -21.11 32.30
CA ASP A 250 -17.35 -20.18 33.40
C ASP A 250 -16.50 -18.96 33.00
N ILE A 251 -15.45 -19.20 32.22
CA ILE A 251 -14.55 -18.12 31.79
C ILE A 251 -15.22 -17.14 30.82
N THR A 252 -15.99 -17.68 29.87
CA THR A 252 -16.74 -16.84 28.92
C THR A 252 -17.76 -15.93 29.59
N LYS A 253 -18.48 -16.46 30.58
CA LYS A 253 -19.48 -15.67 31.29
C LYS A 253 -18.83 -14.46 31.93
N ALA A 254 -17.70 -14.71 32.59
CA ALA A 254 -16.92 -13.63 33.19
C ALA A 254 -16.51 -12.59 32.14
N TRP A 255 -16.34 -13.04 30.90
CA TRP A 255 -15.99 -12.17 29.78
C TRP A 255 -17.16 -11.31 29.35
N LYS A 256 -18.32 -11.96 29.17
CA LYS A 256 -19.56 -11.30 28.76
C LYS A 256 -19.91 -10.20 29.74
N LEU A 257 -19.69 -10.48 31.01
CA LEU A 257 -20.01 -9.54 32.09
C LEU A 257 -19.10 -8.33 32.11
N ILE A 258 -17.87 -8.50 31.67
CA ILE A 258 -16.95 -7.38 31.61
C ILE A 258 -17.28 -6.49 30.41
N CYS A 259 -17.54 -7.11 29.27
CA CYS A 259 -17.90 -6.37 28.08
C CYS A 259 -19.23 -5.66 28.26
N ASP A 260 -20.11 -6.25 29.07
CA ASP A 260 -21.36 -5.62 29.48
C ASP A 260 -21.18 -4.27 30.18
N VAL A 261 -20.37 -4.25 31.22
CA VAL A 261 -20.09 -3.01 31.95
C VAL A 261 -19.50 -2.00 30.98
N SER A 262 -18.73 -2.50 30.01
CA SER A 262 -18.09 -1.63 29.04
C SER A 262 -19.12 -1.07 28.09
N ARG A 263 -20.07 -1.91 27.71
CA ARG A 263 -20.99 -1.57 26.63
C ARG A 263 -21.90 -0.40 26.99
N GLN A 264 -22.32 -0.34 28.24
CA GLN A 264 -23.29 0.66 28.63
C GLN A 264 -22.62 2.02 28.84
N GLU A 265 -21.35 2.01 29.27
CA GLU A 265 -20.59 3.25 29.29
C GLU A 265 -20.36 3.76 27.86
N LEU A 266 -20.25 2.83 26.91
CA LEU A 266 -20.02 3.23 25.53
C LEU A 266 -21.27 3.83 24.88
N ASN A 267 -22.43 3.29 25.20
CA ASN A 267 -23.66 3.76 24.59
C ASN A 267 -23.99 5.19 24.99
N LYS A 268 -23.58 5.58 26.21
CA LYS A 268 -23.73 6.96 26.65
C LYS A 268 -23.13 7.92 25.62
N ILE A 269 -22.08 7.45 24.97
CA ILE A 269 -21.36 8.23 23.98
C ILE A 269 -22.00 8.12 22.61
N TYR A 270 -22.34 6.89 22.21
CA TYR A 270 -22.98 6.73 20.90
C TYR A 270 -24.36 7.40 20.92
N ASP A 271 -24.95 7.49 22.11
CA ASP A 271 -26.24 8.14 22.24
C ASP A 271 -26.09 9.62 22.01
N ALA A 272 -25.15 10.23 22.74
CA ALA A 272 -24.93 11.67 22.66
C ALA A 272 -24.55 12.13 21.25
N LEU A 273 -23.74 11.34 20.56
CA LEU A 273 -23.29 11.71 19.22
C LEU A 273 -24.27 11.21 18.14
N ASP A 274 -25.35 10.56 18.59
CA ASP A 274 -26.43 10.11 17.69
C ASP A 274 -25.94 9.06 16.65
N VAL A 275 -25.33 7.98 17.15
CA VAL A 275 -24.64 7.01 16.30
C VAL A 275 -25.16 5.58 16.43
N SER A 276 -25.49 4.98 15.29
CA SER A 276 -26.03 3.63 15.25
C SER A 276 -24.96 2.66 14.85
N LEU A 277 -24.92 1.53 15.54
CA LEU A 277 -23.82 0.62 15.33
C LEU A 277 -24.18 -0.81 15.72
N ILE A 278 -23.98 -1.72 14.78
CA ILE A 278 -23.99 -3.14 15.10
C ILE A 278 -22.67 -3.52 15.71
N GLU A 279 -22.68 -3.95 16.96
CA GLU A 279 -21.45 -4.42 17.56
C GLU A 279 -21.11 -5.80 16.96
N ARG A 280 -19.87 -5.91 16.50
CA ARG A 280 -19.37 -7.13 15.88
C ARG A 280 -17.85 -7.12 16.06
N GLY A 281 -17.45 -7.42 17.28
CA GLY A 281 -16.05 -7.38 17.64
C GLY A 281 -15.26 -8.53 17.03
N GLU A 282 -13.96 -8.53 17.31
CA GLU A 282 -13.05 -9.55 16.84
C GLU A 282 -13.56 -10.93 17.28
N SER A 283 -14.22 -10.97 18.44
CA SER A 283 -14.70 -12.24 19.00
C SER A 283 -15.74 -12.91 18.12
N PHE A 284 -16.38 -12.12 17.29
CA PHE A 284 -17.40 -12.64 16.40
C PHE A 284 -16.83 -13.65 15.41
N TYR A 285 -15.50 -13.64 15.24
CA TYR A 285 -14.88 -14.42 14.18
C TYR A 285 -14.03 -15.58 14.71
N GLN A 286 -14.21 -15.94 15.98
CA GLN A 286 -13.40 -16.97 16.64
C GLN A 286 -13.25 -18.26 15.81
N ASP A 287 -14.33 -18.65 15.14
CA ASP A 287 -14.34 -19.88 14.37
C ASP A 287 -13.81 -19.70 12.97
N ARG A 288 -14.09 -18.57 12.35
CA ARG A 288 -13.62 -18.32 11.00
C ARG A 288 -12.12 -18.22 11.04
N MET A 289 -11.59 -17.81 12.18
CA MET A 289 -10.16 -17.63 12.24
C MET A 289 -9.49 -18.98 12.10
N ASN A 290 -10.07 -20.01 12.71
CA ASN A 290 -9.56 -21.36 12.52
C ASN A 290 -9.48 -21.71 11.04
N ASP A 291 -10.59 -21.50 10.33
CA ASP A 291 -10.66 -21.82 8.91
C ASP A 291 -9.76 -20.99 8.02
N ILE A 292 -9.56 -19.74 8.40
CA ILE A 292 -8.69 -18.85 7.65
C ILE A 292 -7.25 -19.34 7.66
N VAL A 293 -6.78 -19.71 8.84
CA VAL A 293 -5.44 -20.21 9.01
C VAL A 293 -5.27 -21.47 8.16
N LYS A 294 -6.28 -22.32 8.15
CA LYS A 294 -6.21 -23.53 7.34
C LYS A 294 -6.27 -23.16 5.88
N GLU A 295 -7.06 -22.13 5.56
CA GLU A 295 -7.25 -21.74 4.16
C GLU A 295 -6.00 -21.12 3.58
N PHE A 296 -5.19 -20.50 4.42
CA PHE A 296 -3.96 -19.97 3.89
C PHE A 296 -2.90 -21.09 3.82
N GLU A 297 -2.94 -22.00 4.80
CA GLU A 297 -2.04 -23.15 4.81
C GLU A 297 -2.25 -23.99 3.56
N ASP A 298 -3.49 -24.35 3.31
CA ASP A 298 -3.79 -25.29 2.24
C ASP A 298 -3.49 -24.72 0.86
N ARG A 299 -3.29 -23.41 0.76
CA ARG A 299 -2.88 -22.81 -0.53
C ARG A 299 -1.39 -22.48 -0.52
N GLY A 300 -0.71 -22.86 0.57
CA GLY A 300 0.75 -22.78 0.63
C GLY A 300 1.33 -21.38 0.81
N PHE A 301 0.53 -20.48 1.39
CA PHE A 301 0.96 -19.10 1.61
C PHE A 301 1.58 -18.93 2.99
N VAL A 302 1.61 -19.98 3.81
CA VAL A 302 2.08 -19.84 5.18
C VAL A 302 3.54 -20.31 5.33
N GLN A 303 4.29 -19.63 6.18
CA GLN A 303 5.65 -20.00 6.47
C GLN A 303 5.85 -20.01 7.99
N VAL A 304 6.66 -20.94 8.50
CA VAL A 304 6.87 -21.08 9.95
C VAL A 304 8.17 -20.44 10.41
N ASP A 305 8.05 -19.44 11.28
CA ASP A 305 9.19 -18.65 11.72
C ASP A 305 9.15 -18.45 13.23
N ASP A 306 10.07 -19.12 13.92
CA ASP A 306 10.15 -19.03 15.37
C ASP A 306 8.87 -19.51 16.02
N GLY A 307 8.22 -20.50 15.41
CA GLY A 307 7.02 -21.06 15.99
C GLY A 307 5.75 -20.29 15.65
N ARG A 308 5.92 -19.15 14.98
CA ARG A 308 4.80 -18.35 14.50
C ARG A 308 4.43 -18.84 13.10
N LYS A 309 3.14 -18.88 12.78
CA LYS A 309 2.74 -19.11 11.40
C LYS A 309 2.59 -17.74 10.78
N ILE A 310 3.49 -17.34 9.89
CA ILE A 310 3.36 -16.01 9.28
C ILE A 310 3.01 -16.10 7.79
N VAL A 311 2.63 -14.97 7.21
CA VAL A 311 2.30 -14.91 5.79
C VAL A 311 2.99 -13.72 5.11
N PHE A 312 3.80 -14.04 4.10
CA PHE A 312 4.49 -13.02 3.30
C PHE A 312 3.67 -12.71 2.07
N VAL A 313 3.46 -11.42 1.78
CA VAL A 313 2.67 -11.05 0.61
C VAL A 313 3.55 -10.34 -0.39
N PRO A 314 3.64 -10.91 -1.60
CA PRO A 314 4.59 -10.44 -2.62
C PRO A 314 4.33 -9.00 -2.94
N GLY A 315 5.13 -8.11 -2.35
CA GLY A 315 4.99 -6.69 -2.58
C GLY A 315 4.96 -5.93 -1.29
N CYS A 316 4.57 -6.58 -0.20
CA CYS A 316 4.39 -5.83 1.04
C CYS A 316 5.65 -5.78 1.87
N SER A 317 5.78 -4.70 2.63
CA SER A 317 6.99 -4.39 3.40
C SER A 317 7.10 -5.19 4.71
N ILE A 318 6.01 -5.87 5.07
CA ILE A 318 5.94 -6.64 6.31
C ILE A 318 5.09 -7.89 6.11
N PRO A 319 5.26 -8.86 7.01
CA PRO A 319 4.44 -10.07 6.92
C PRO A 319 3.29 -10.03 7.92
N LEU A 320 2.20 -10.71 7.60
CA LEU A 320 1.10 -10.88 8.54
C LEU A 320 1.42 -12.03 9.49
N THR A 321 1.33 -11.82 10.81
CA THR A 321 1.40 -12.95 11.73
C THR A 321 -0.01 -13.47 11.94
N ILE A 322 -0.28 -14.71 11.60
CA ILE A 322 -1.64 -15.16 11.77
C ILE A 322 -1.80 -16.19 12.88
N VAL A 323 -0.70 -16.83 13.31
CA VAL A 323 -0.70 -17.58 14.56
C VAL A 323 0.61 -17.33 15.32
N LYS A 324 0.51 -16.93 16.58
CA LYS A 324 1.67 -16.65 17.45
C LYS A 324 2.33 -17.97 17.83
N SER A 325 3.47 -17.92 18.54
CA SER A 325 4.17 -19.17 18.87
C SER A 325 3.41 -20.07 19.85
N ASP A 326 2.42 -19.48 20.49
CA ASP A 326 1.70 -20.06 21.61
C ASP A 326 0.28 -20.46 21.26
N GLY A 327 -0.04 -20.48 19.96
CA GLY A 327 -1.36 -20.91 19.50
C GLY A 327 -2.45 -19.85 19.41
N GLY A 328 -2.13 -18.65 19.89
CA GLY A 328 -3.07 -17.55 19.93
C GLY A 328 -3.14 -16.80 18.61
N TYR A 329 -4.36 -16.50 18.18
CA TYR A 329 -4.60 -15.73 16.97
C TYR A 329 -4.25 -14.26 17.15
N THR A 330 -4.38 -13.48 16.08
CA THR A 330 -3.99 -12.08 16.15
C THR A 330 -5.02 -11.14 15.51
N TYR A 331 -4.67 -9.86 15.52
CA TYR A 331 -5.40 -8.79 14.83
C TYR A 331 -5.50 -9.14 13.36
N ASP A 332 -4.39 -9.65 12.81
CA ASP A 332 -4.32 -10.02 11.40
C ASP A 332 -5.24 -11.21 11.14
N THR A 333 -5.27 -12.13 12.11
CA THR A 333 -6.14 -13.27 11.96
C THR A 333 -7.57 -12.76 11.89
N SER A 334 -7.94 -11.95 12.88
CA SER A 334 -9.29 -11.41 12.94
C SER A 334 -9.61 -10.58 11.68
N ASP A 335 -8.72 -9.68 11.28
CA ASP A 335 -9.07 -8.88 10.10
C ASP A 335 -9.08 -9.65 8.78
N LEU A 336 -8.38 -10.78 8.72
CA LEU A 336 -8.50 -11.67 7.57
C LEU A 336 -9.89 -12.36 7.55
N ALA A 337 -10.28 -12.96 8.68
CA ALA A 337 -11.63 -13.56 8.81
C ALA A 337 -12.71 -12.53 8.51
N ALA A 338 -12.49 -11.31 9.01
CA ALA A 338 -13.46 -10.25 8.84
C ALA A 338 -13.68 -9.91 7.35
N ILE A 339 -12.61 -9.79 6.58
CA ILE A 339 -12.79 -9.37 5.20
C ILE A 339 -13.34 -10.52 4.35
N LYS A 340 -13.05 -11.76 4.73
CA LYS A 340 -13.58 -12.87 3.94
C LYS A 340 -15.10 -12.94 4.10
N GLN A 341 -15.59 -12.75 5.33
CA GLN A 341 -17.02 -12.90 5.59
C GLN A 341 -17.81 -11.71 5.03
N ARG A 342 -17.23 -10.50 5.12
CA ARG A 342 -17.83 -9.30 4.54
C ARG A 342 -17.94 -9.37 3.02
N LEU A 343 -17.03 -10.13 2.41
CA LEU A 343 -17.02 -10.30 0.97
C LEU A 343 -17.91 -11.46 0.55
N PHE A 344 -17.96 -12.51 1.36
CA PHE A 344 -18.67 -13.75 1.00
C PHE A 344 -20.09 -13.91 1.58
N GLU A 345 -20.26 -13.67 2.89
CA GLU A 345 -21.57 -13.80 3.52
C GLU A 345 -22.36 -12.50 3.35
N GLU A 346 -21.73 -11.36 3.62
CA GLU A 346 -22.44 -10.11 3.46
C GLU A 346 -22.52 -9.73 1.99
N LYS A 347 -21.68 -10.34 1.17
CA LYS A 347 -21.71 -10.10 -0.27
C LYS A 347 -21.65 -8.60 -0.61
N ALA A 348 -20.70 -7.89 0.00
CA ALA A 348 -20.57 -6.43 -0.14
C ALA A 348 -20.16 -6.01 -1.53
N ASP A 349 -20.59 -4.83 -1.95
CA ASP A 349 -20.05 -4.28 -3.17
C ASP A 349 -18.97 -3.27 -2.82
N MET A 350 -18.87 -2.94 -1.54
CA MET A 350 -17.87 -1.98 -1.09
C MET A 350 -17.62 -2.08 0.40
N ILE A 351 -16.36 -2.03 0.81
CA ILE A 351 -16.05 -2.06 2.24
C ILE A 351 -15.17 -0.85 2.62
N ILE A 352 -15.57 -0.13 3.66
CA ILE A 352 -14.81 1.03 4.07
C ILE A 352 -14.30 0.88 5.49
N TYR A 353 -13.00 1.08 5.69
CA TYR A 353 -12.39 1.02 7.02
C TYR A 353 -12.01 2.42 7.46
N VAL A 354 -12.59 2.85 8.58
CA VAL A 354 -12.31 4.17 9.12
C VAL A 354 -11.43 4.01 10.36
N VAL A 355 -10.12 3.94 10.12
CA VAL A 355 -9.12 3.64 11.17
C VAL A 355 -7.93 4.59 11.08
N ASP A 356 -7.35 4.96 12.23
CA ASP A 356 -6.28 5.96 12.26
C ASP A 356 -5.18 5.58 11.34
N ASN A 357 -4.47 6.59 10.84
CA ASN A 357 -3.47 6.35 9.82
C ASN A 357 -2.26 5.55 10.30
N GLY A 358 -2.09 5.44 11.62
CA GLY A 358 -1.05 4.59 12.18
C GLY A 358 -1.05 3.15 11.65
N GLN A 359 -2.21 2.72 11.14
CA GLN A 359 -2.43 1.36 10.74
C GLN A 359 -2.56 1.24 9.21
N SER A 360 -2.06 2.23 8.48
CA SER A 360 -2.15 2.23 7.01
C SER A 360 -1.51 0.99 6.37
N VAL A 361 -0.30 0.70 6.82
CA VAL A 361 0.44 -0.41 6.29
C VAL A 361 -0.35 -1.69 6.52
N HIS A 362 -0.88 -1.83 7.74
CA HIS A 362 -1.68 -2.99 8.10
C HIS A 362 -2.79 -3.28 7.07
N PHE A 363 -3.55 -2.26 6.66
CA PHE A 363 -4.64 -2.61 5.77
C PHE A 363 -4.16 -2.91 4.34
N GLN A 364 -3.13 -2.22 3.86
CA GLN A 364 -2.65 -2.49 2.51
C GLN A 364 -2.13 -3.93 2.41
N THR A 365 -1.53 -4.41 3.50
CA THR A 365 -1.04 -5.79 3.51
C THR A 365 -2.21 -6.77 3.57
N ILE A 366 -3.20 -6.48 4.41
CA ILE A 366 -4.41 -7.31 4.49
C ILE A 366 -5.15 -7.37 3.14
N PHE A 367 -5.32 -6.21 2.52
CA PHE A 367 -6.10 -6.15 1.29
C PHE A 367 -5.35 -6.93 0.25
N ALA A 368 -4.02 -6.81 0.29
CA ALA A 368 -3.16 -7.51 -0.66
C ALA A 368 -3.32 -9.03 -0.48
N ALA A 369 -3.15 -9.45 0.78
CA ALA A 369 -3.35 -10.81 1.17
C ALA A 369 -4.69 -11.31 0.64
N ALA A 370 -5.69 -10.45 0.70
CA ALA A 370 -7.01 -10.86 0.26
C ALA A 370 -7.07 -11.07 -1.25
N GLN A 371 -6.41 -10.22 -2.02
CA GLN A 371 -6.43 -10.39 -3.46
C GLN A 371 -5.65 -11.65 -3.80
N MET A 372 -4.46 -11.76 -3.18
CA MET A 372 -3.54 -12.87 -3.36
C MET A 372 -4.19 -14.24 -3.27
N ILE A 373 -5.15 -14.38 -2.34
CA ILE A 373 -5.81 -15.66 -2.14
C ILE A 373 -7.13 -15.75 -2.91
N GLY A 374 -7.47 -14.70 -3.64
CA GLY A 374 -8.56 -14.76 -4.62
C GLY A 374 -9.94 -14.34 -4.10
N TRP A 375 -9.97 -13.75 -2.92
CA TRP A 375 -11.22 -13.39 -2.29
C TRP A 375 -11.97 -12.29 -3.03
N TYR A 376 -11.24 -11.46 -3.76
CA TYR A 376 -11.89 -10.41 -4.52
C TYR A 376 -11.05 -9.76 -5.62
N ASP A 377 -11.75 -9.20 -6.59
CA ASP A 377 -11.18 -8.47 -7.72
C ASP A 377 -11.43 -6.98 -7.49
N PRO A 378 -10.38 -6.25 -7.07
CA PRO A 378 -10.50 -4.82 -6.73
C PRO A 378 -11.05 -3.95 -7.86
N LYS A 379 -11.10 -4.49 -9.07
CA LYS A 379 -11.73 -3.83 -10.22
C LYS A 379 -13.23 -3.92 -10.08
N VAL A 380 -13.67 -4.87 -9.25
CA VAL A 380 -15.07 -5.21 -9.13
C VAL A 380 -15.60 -4.80 -7.76
N THR A 381 -14.82 -5.07 -6.73
CA THR A 381 -15.24 -4.70 -5.39
C THR A 381 -14.37 -3.60 -4.78
N ARG A 382 -15.01 -2.53 -4.34
CA ARG A 382 -14.28 -1.43 -3.73
C ARG A 382 -13.93 -1.72 -2.28
N VAL A 383 -12.65 -1.92 -1.99
CA VAL A 383 -12.21 -1.96 -0.62
C VAL A 383 -11.29 -0.76 -0.39
N PHE A 384 -11.51 -0.07 0.72
CA PHE A 384 -11.03 1.29 0.88
C PHE A 384 -10.63 1.53 2.34
N HIS A 385 -9.37 1.93 2.57
CA HIS A 385 -9.00 2.40 3.91
C HIS A 385 -9.17 3.91 3.95
N ALA A 386 -10.15 4.39 4.70
CA ALA A 386 -10.32 5.83 4.90
C ALA A 386 -9.50 6.26 6.12
N GLY A 387 -8.30 6.78 5.88
CA GLY A 387 -7.38 7.05 6.97
C GLY A 387 -7.52 8.43 7.58
N PHE A 388 -7.04 8.60 8.81
CA PHE A 388 -7.06 9.93 9.43
C PHE A 388 -5.89 10.27 10.38
N GLY A 389 -5.54 11.55 10.45
CA GLY A 389 -4.41 12.00 11.26
C GLY A 389 -4.65 11.89 12.75
N VAL A 390 -3.63 12.19 13.56
CA VAL A 390 -3.78 12.06 15.00
C VAL A 390 -4.42 13.31 15.59
N VAL A 391 -4.90 13.21 16.81
CA VAL A 391 -5.53 14.35 17.43
C VAL A 391 -4.48 15.08 18.29
N LEU A 392 -4.41 16.40 18.17
CA LEU A 392 -3.41 17.19 18.87
C LEU A 392 -4.05 18.25 19.78
N GLY A 393 -3.25 18.81 20.68
CA GLY A 393 -3.60 20.01 21.43
C GLY A 393 -3.03 21.18 20.65
N GLU A 394 -3.25 22.40 21.13
CA GLU A 394 -2.75 23.58 20.41
C GLU A 394 -1.22 23.65 20.42
N ASP A 395 -0.60 23.00 21.40
CA ASP A 395 0.86 22.88 21.45
C ASP A 395 1.42 21.95 20.37
N LYS A 396 0.55 21.54 19.44
CA LYS A 396 0.89 20.75 18.25
C LYS A 396 1.51 19.40 18.56
N LYS A 397 1.28 18.88 19.77
CA LYS A 397 1.66 17.49 20.10
C LYS A 397 0.43 16.67 20.54
N LYS A 398 0.64 15.40 20.87
CA LYS A 398 -0.44 14.46 21.21
C LYS A 398 -1.49 15.09 22.13
N PHE A 399 -2.70 14.55 22.11
CA PHE A 399 -3.78 15.14 22.90
C PHE A 399 -4.05 14.32 24.17
N LYS A 400 -3.49 14.73 25.31
CA LYS A 400 -3.67 13.93 26.53
C LYS A 400 -3.95 14.73 27.80
N THR A 401 -4.04 14.00 28.92
CA THR A 401 -4.03 14.56 30.26
C THR A 401 -3.55 13.53 31.28
N THR A 406 -4.45 10.50 29.33
CA THR A 406 -5.58 10.15 28.46
C THR A 406 -6.92 10.81 28.88
N VAL A 407 -7.61 11.36 27.89
CA VAL A 407 -8.89 12.03 28.13
C VAL A 407 -10.14 11.14 27.94
N ARG A 408 -10.97 11.06 28.98
CA ARG A 408 -12.24 10.33 28.90
C ARG A 408 -13.18 11.08 27.97
N LEU A 409 -13.79 10.35 27.02
CA LEU A 409 -14.61 11.02 26.04
C LEU A 409 -15.83 11.74 26.62
N MET A 410 -16.48 11.15 27.63
CA MET A 410 -17.64 11.78 28.24
C MET A 410 -17.31 13.12 28.92
N ASP A 411 -16.09 13.22 29.44
CA ASP A 411 -15.59 14.45 30.05
C ASP A 411 -15.52 15.55 29.01
N LEU A 412 -14.95 15.20 27.86
CA LEU A 412 -14.80 16.11 26.74
C LEU A 412 -16.15 16.71 26.35
N LEU A 413 -17.14 15.84 26.24
CA LEU A 413 -18.48 16.24 25.83
C LEU A 413 -19.18 17.06 26.90
N GLY A 414 -19.03 16.67 28.16
CA GLY A 414 -19.57 17.46 29.25
C GLY A 414 -18.95 18.85 29.21
N GLU A 415 -17.64 18.91 28.96
CA GLU A 415 -16.93 20.18 28.86
C GLU A 415 -17.31 20.94 27.58
N GLY A 416 -17.90 20.22 26.63
CA GLY A 416 -18.45 20.85 25.44
C GLY A 416 -19.82 21.45 25.73
N LEU A 417 -20.66 20.67 26.39
CA LEU A 417 -21.99 21.12 26.76
C LEU A 417 -21.93 22.36 27.63
N LYS A 418 -21.04 22.36 28.61
CA LYS A 418 -20.86 23.53 29.48
C LYS A 418 -20.53 24.76 28.68
N ARG A 419 -19.44 24.68 27.91
CA ARG A 419 -18.98 25.80 27.11
C ARG A 419 -20.03 26.30 26.14
N SER A 420 -20.77 25.37 25.56
CA SER A 420 -21.83 25.73 24.62
C SER A 420 -22.88 26.55 25.36
N MET A 421 -23.23 26.07 26.56
CA MET A 421 -24.20 26.74 27.40
C MET A 421 -23.75 28.15 27.80
N ASP A 422 -22.52 28.23 28.31
CA ASP A 422 -21.90 29.51 28.69
C ASP A 422 -22.04 30.58 27.60
N LYS A 423 -21.79 30.21 26.35
CA LYS A 423 -21.95 31.15 25.26
C LYS A 423 -23.37 31.66 25.20
N LEU A 424 -24.32 30.73 25.32
CA LEU A 424 -25.73 31.05 25.12
C LEU A 424 -26.27 32.04 26.14
N LYS A 425 -25.60 32.14 27.29
CA LYS A 425 -26.06 33.02 28.35
C LYS A 425 -25.95 34.51 27.97
N GLU A 426 -25.43 34.79 26.78
CA GLU A 426 -25.41 36.15 26.22
C GLU A 426 -26.32 36.31 25.00
N LYS A 427 -27.62 36.55 25.21
CA LYS A 427 -28.21 36.51 26.55
C LYS A 427 -29.45 35.60 26.45
N GLU A 428 -29.38 34.66 25.50
CA GLU A 428 -30.56 33.98 24.98
C GLU A 428 -31.40 33.10 25.96
N ARG A 429 -30.98 32.97 27.21
CA ARG A 429 -31.77 32.20 28.18
C ARG A 429 -33.13 32.84 28.50
N ASP A 430 -33.27 34.08 28.05
CA ASP A 430 -34.43 34.89 28.31
C ASP A 430 -35.35 34.95 27.08
N LYS A 431 -34.78 34.71 25.91
CA LYS A 431 -35.55 34.70 24.67
C LYS A 431 -36.15 33.32 24.38
N VAL A 432 -35.28 32.36 24.07
CA VAL A 432 -35.73 31.02 23.75
C VAL A 432 -36.25 30.39 25.04
N LEU A 433 -37.29 29.60 24.92
CA LEU A 433 -37.92 28.99 26.07
C LEU A 433 -37.03 27.89 26.57
N THR A 434 -37.61 27.02 27.38
CA THR A 434 -36.86 25.95 28.03
C THR A 434 -36.27 24.94 27.05
N ALA A 435 -37.14 24.22 26.34
CA ALA A 435 -36.70 23.21 25.39
C ALA A 435 -35.77 23.80 24.34
N GLU A 436 -36.15 24.97 23.81
CA GLU A 436 -35.41 25.58 22.70
C GLU A 436 -33.97 25.86 23.03
N GLU A 437 -33.63 25.74 24.31
CA GLU A 437 -32.35 26.23 24.77
C GLU A 437 -31.67 25.21 25.65
N LEU A 438 -32.32 24.86 26.78
CA LEU A 438 -31.77 23.90 27.78
C LEU A 438 -31.29 22.60 27.12
N ASN A 439 -31.90 22.28 25.99
CA ASN A 439 -31.29 21.33 25.10
C ASN A 439 -31.14 22.07 23.77
N ALA A 440 -32.15 21.96 22.90
CA ALA A 440 -32.07 22.33 21.49
C ALA A 440 -30.80 23.08 21.11
N ALA A 441 -30.72 24.37 21.41
CA ALA A 441 -29.57 25.16 21.00
C ALA A 441 -28.24 24.70 21.63
N GLN A 442 -28.23 24.41 22.93
CA GLN A 442 -27.00 24.05 23.64
C GLN A 442 -26.34 22.85 23.00
N THR A 443 -27.08 21.74 23.02
CA THR A 443 -26.60 20.46 22.50
C THR A 443 -26.31 20.50 21.00
N SER A 444 -27.23 21.09 20.23
CA SER A 444 -27.06 21.15 18.78
C SER A 444 -25.80 21.92 18.40
N VAL A 445 -25.38 22.84 19.26
CA VAL A 445 -24.18 23.62 18.99
C VAL A 445 -22.92 22.87 19.41
N ALA A 446 -22.91 22.36 20.64
CA ALA A 446 -21.76 21.61 21.16
C ALA A 446 -21.42 20.42 20.28
N TYR A 447 -22.31 19.44 20.25
CA TYR A 447 -22.11 18.25 19.44
C TYR A 447 -21.88 18.65 17.98
N GLY A 448 -22.51 19.74 17.56
CA GLY A 448 -22.38 20.10 16.16
C GLY A 448 -21.00 20.62 15.87
N CYS A 449 -20.40 21.29 16.85
CA CYS A 449 -19.08 21.84 16.64
C CYS A 449 -18.02 20.77 16.66
N ILE A 450 -18.13 19.88 17.64
CA ILE A 450 -17.21 18.76 17.81
C ILE A 450 -17.16 17.90 16.55
N LYS A 451 -18.30 17.67 15.91
CA LYS A 451 -18.27 16.95 14.65
C LYS A 451 -17.74 17.85 13.53
N TYR A 452 -18.23 19.08 13.45
CA TYR A 452 -17.90 19.92 12.31
C TYR A 452 -16.44 20.33 12.23
N ALA A 453 -15.82 20.59 13.38
CA ALA A 453 -14.42 21.03 13.39
C ALA A 453 -13.54 19.95 12.79
N ASP A 454 -13.89 18.69 13.09
CA ASP A 454 -13.24 17.53 12.53
C ASP A 454 -13.47 17.46 11.02
N LEU A 455 -14.72 17.24 10.62
CA LEU A 455 -15.07 16.96 9.21
C LEU A 455 -14.72 18.08 8.23
N SER A 456 -14.55 19.30 8.70
CA SER A 456 -14.33 20.45 7.82
C SER A 456 -12.88 20.55 7.35
N ARG A 457 -12.06 19.70 7.93
CA ARG A 457 -10.63 19.62 7.64
C ARG A 457 -10.36 18.26 7.04
N ASN A 458 -9.51 18.22 6.01
CA ASN A 458 -9.10 16.97 5.38
C ASN A 458 -8.83 15.92 6.45
N ARG A 459 -9.48 14.77 6.34
CA ARG A 459 -9.37 13.73 7.37
C ARG A 459 -7.93 13.21 7.55
N LEU A 460 -7.12 13.26 6.49
CA LEU A 460 -5.72 12.78 6.51
C LEU A 460 -4.79 13.60 7.41
N ASN A 461 -4.85 14.94 7.31
CA ASN A 461 -4.03 15.85 8.14
C ASN A 461 -4.30 15.65 9.61
N ASP A 462 -3.34 15.95 10.48
CA ASP A 462 -3.59 15.80 11.91
C ASP A 462 -4.60 16.85 12.33
N TYR A 463 -5.31 16.60 13.42
CA TYR A 463 -6.40 17.47 13.86
C TYR A 463 -6.11 18.18 15.19
N ILE A 464 -6.27 19.50 15.21
CA ILE A 464 -6.06 20.24 16.45
C ILE A 464 -7.40 20.54 17.13
N PHE A 465 -7.68 19.82 18.21
CA PHE A 465 -8.93 19.96 18.93
C PHE A 465 -8.90 21.21 19.81
N SER A 466 -9.66 22.22 19.42
CA SER A 466 -9.71 23.44 20.20
C SER A 466 -11.14 23.88 20.44
N PHE A 467 -11.58 23.82 21.70
CA PHE A 467 -12.91 24.29 22.08
C PHE A 467 -13.09 25.74 21.63
N ASP A 468 -12.12 26.59 21.93
CA ASP A 468 -12.15 28.00 21.55
C ASP A 468 -12.34 28.20 20.04
N LYS A 469 -11.68 27.39 19.21
CA LYS A 469 -11.70 27.64 17.76
C LYS A 469 -13.01 27.17 17.15
N MET A 470 -13.49 26.01 17.61
CA MET A 470 -14.64 25.42 16.99
C MET A 470 -15.93 26.02 17.54
N LEU A 471 -15.84 26.71 18.69
CA LEU A 471 -17.00 27.33 19.31
C LEU A 471 -17.17 28.77 18.92
N ASP A 472 -16.20 29.29 18.19
CA ASP A 472 -16.21 30.66 17.70
C ASP A 472 -17.57 30.98 17.06
N ASP A 473 -18.09 32.17 17.35
CA ASP A 473 -19.39 32.57 16.84
C ASP A 473 -19.26 33.10 15.40
N ARG A 474 -18.02 33.22 14.93
CA ARG A 474 -17.75 33.75 13.60
C ARG A 474 -16.83 32.81 12.82
N GLY A 475 -16.95 32.81 11.49
CA GLY A 475 -16.06 32.05 10.65
C GLY A 475 -16.69 30.79 10.05
N ASN A 476 -15.90 29.72 9.98
CA ASN A 476 -16.32 28.44 9.41
C ASN A 476 -16.48 27.43 10.54
N THR A 477 -17.44 27.67 11.40
CA THR A 477 -17.69 26.75 12.48
C THR A 477 -19.08 26.22 12.31
N ALA A 478 -19.43 25.21 13.10
CA ALA A 478 -20.80 24.74 13.14
C ALA A 478 -21.64 25.87 13.74
N ALA A 479 -21.11 26.46 14.82
CA ALA A 479 -21.72 27.61 15.48
C ALA A 479 -22.24 28.64 14.49
N TYR A 480 -21.38 29.17 13.63
CA TYR A 480 -21.86 30.15 12.66
C TYR A 480 -22.92 29.56 11.73
N LEU A 481 -22.65 28.41 11.15
CA LEU A 481 -23.58 27.86 10.20
C LEU A 481 -24.94 27.50 10.83
N LEU A 482 -24.95 27.16 12.12
CA LEU A 482 -26.19 26.78 12.78
C LEU A 482 -27.04 28.02 13.05
N TYR A 483 -26.34 29.08 13.46
CA TYR A 483 -26.95 30.40 13.64
C TYR A 483 -27.42 30.91 12.30
N ALA A 484 -26.54 30.84 11.31
CA ALA A 484 -26.88 31.24 9.96
C ALA A 484 -28.16 30.56 9.50
N PHE A 485 -28.31 29.28 9.83
CA PHE A 485 -29.51 28.53 9.46
C PHE A 485 -30.78 29.16 10.04
N THR A 486 -30.72 29.58 11.30
CA THR A 486 -31.89 30.12 11.98
C THR A 486 -32.38 31.37 11.30
N ARG A 487 -31.45 32.17 10.78
CA ARG A 487 -31.80 33.43 10.14
C ARG A 487 -32.51 33.19 8.82
N ILE A 488 -32.09 32.18 8.08
CA ILE A 488 -32.73 31.87 6.81
C ILE A 488 -34.16 31.42 7.06
N ARG A 489 -34.36 30.78 8.20
CA ARG A 489 -35.65 30.25 8.59
C ARG A 489 -36.53 31.34 9.21
N SER A 490 -35.92 32.29 9.92
CA SER A 490 -36.68 33.38 10.54
C SER A 490 -37.34 34.25 9.47
N ILE A 491 -36.67 34.43 8.33
CA ILE A 491 -37.18 35.30 7.28
C ILE A 491 -38.64 35.01 6.88
N ALA A 492 -38.94 33.78 6.48
CA ALA A 492 -40.31 33.46 6.05
C ALA A 492 -41.18 33.28 7.28
N ARG A 493 -40.54 33.05 8.42
CA ARG A 493 -41.26 32.97 9.69
C ARG A 493 -41.74 34.35 10.17
N LEU A 494 -40.83 35.33 10.18
CA LEU A 494 -41.13 36.67 10.69
C LEU A 494 -42.12 37.37 9.78
N ALA A 495 -42.07 37.07 8.49
CA ALA A 495 -43.02 37.64 7.55
C ALA A 495 -44.29 36.80 7.53
N ASN A 496 -44.50 36.01 8.58
CA ASN A 496 -45.71 35.19 8.76
C ASN A 496 -46.19 34.40 7.52
N ILE A 497 -45.37 33.44 7.07
CA ILE A 497 -45.75 32.54 5.97
C ILE A 497 -45.52 31.08 6.36
N ASP A 498 -46.61 30.43 6.80
CA ASP A 498 -46.52 29.08 7.34
C ASP A 498 -46.16 28.09 6.25
N GLU A 499 -45.87 26.85 6.66
CA GLU A 499 -45.42 25.81 5.74
C GLU A 499 -46.45 25.57 4.64
N GLU A 500 -47.72 25.53 5.03
CA GLU A 500 -48.83 25.31 4.09
C GLU A 500 -48.79 26.31 2.95
N MET A 501 -48.59 27.58 3.29
CA MET A 501 -48.53 28.63 2.28
C MET A 501 -47.34 28.39 1.36
N LEU A 502 -46.16 28.23 1.96
CA LEU A 502 -44.91 28.07 1.22
C LEU A 502 -44.96 26.91 0.23
N GLN A 503 -45.64 25.83 0.60
CA GLN A 503 -45.71 24.65 -0.25
C GLN A 503 -46.61 24.90 -1.44
N LYS A 504 -47.64 25.73 -1.24
CA LYS A 504 -48.55 26.09 -2.32
C LYS A 504 -47.87 27.14 -3.21
N ALA A 505 -47.13 28.05 -2.59
CA ALA A 505 -46.37 29.01 -3.36
C ALA A 505 -45.39 28.29 -4.30
N ALA A 506 -44.66 27.33 -3.76
CA ALA A 506 -43.68 26.58 -4.52
C ALA A 506 -44.31 25.84 -5.71
N ARG A 507 -45.55 25.39 -5.52
CA ARG A 507 -46.23 24.60 -6.54
C ARG A 507 -46.80 25.48 -7.67
N GLU A 508 -46.85 26.79 -7.46
CA GLU A 508 -47.48 27.68 -8.44
C GLU A 508 -46.57 28.83 -8.90
N THR A 509 -45.42 28.99 -8.27
CA THR A 509 -44.58 30.16 -8.55
C THR A 509 -43.40 29.83 -9.47
N LYS A 510 -43.22 30.64 -10.51
CA LYS A 510 -42.02 30.63 -11.31
C LYS A 510 -40.95 31.30 -10.46
N ILE A 511 -39.74 30.74 -10.42
CA ILE A 511 -38.71 31.33 -9.59
C ILE A 511 -37.81 32.21 -10.41
N LEU A 512 -37.59 33.42 -9.92
CA LEU A 512 -36.96 34.48 -10.70
C LEU A 512 -35.49 34.63 -10.39
N LEU A 513 -34.68 34.76 -11.44
CA LEU A 513 -33.22 34.83 -11.28
C LEU A 513 -32.60 35.82 -12.25
N ASP A 514 -33.16 37.03 -12.24
CA ASP A 514 -32.69 38.11 -13.10
C ASP A 514 -31.55 38.85 -12.43
N HIS A 515 -31.62 38.92 -11.10
CA HIS A 515 -30.63 39.64 -10.34
C HIS A 515 -29.37 38.79 -10.22
N GLU A 516 -28.20 39.42 -10.32
CA GLU A 516 -26.94 38.71 -10.28
C GLU A 516 -26.82 37.81 -9.04
N LYS A 517 -27.01 38.37 -7.85
CA LYS A 517 -26.72 37.60 -6.67
C LYS A 517 -27.78 36.54 -6.40
N GLU A 518 -28.95 36.63 -7.05
CA GLU A 518 -29.89 35.52 -6.92
C GLU A 518 -29.58 34.44 -7.99
N TRP A 519 -28.72 34.76 -8.95
CA TRP A 519 -28.30 33.76 -9.92
C TRP A 519 -27.13 32.96 -9.38
N LYS A 520 -26.20 33.66 -8.73
CA LYS A 520 -25.14 33.00 -7.98
C LYS A 520 -25.78 31.95 -7.07
N LEU A 521 -26.56 32.42 -6.10
CA LEU A 521 -27.20 31.56 -5.12
C LEU A 521 -28.00 30.44 -5.75
N GLY A 522 -28.60 30.70 -6.90
CA GLY A 522 -29.44 29.71 -7.55
C GLY A 522 -28.65 28.51 -8.07
N ARG A 523 -27.52 28.78 -8.70
CA ARG A 523 -26.73 27.70 -9.24
C ARG A 523 -25.86 27.08 -8.16
N CYS A 524 -25.48 27.86 -7.15
CA CYS A 524 -24.73 27.29 -6.03
C CYS A 524 -25.56 26.18 -5.42
N ILE A 525 -26.86 26.42 -5.31
CA ILE A 525 -27.80 25.44 -4.75
C ILE A 525 -27.82 24.15 -5.56
N LEU A 526 -27.79 24.24 -6.88
CA LEU A 526 -27.94 23.04 -7.70
C LEU A 526 -26.67 22.20 -7.76
N ARG A 527 -25.64 22.65 -7.07
CA ARG A 527 -24.35 21.98 -7.04
C ARG A 527 -24.31 20.91 -5.96
N PHE A 528 -25.38 20.79 -5.19
CA PHE A 528 -25.42 19.80 -4.13
C PHE A 528 -25.15 18.37 -4.60
N PRO A 529 -25.72 17.95 -5.76
CA PRO A 529 -25.44 16.56 -6.12
C PRO A 529 -23.98 16.34 -6.53
N GLU A 530 -23.42 17.27 -7.29
CA GLU A 530 -22.09 17.14 -7.82
C GLU A 530 -21.09 17.15 -6.66
N ILE A 531 -21.50 17.78 -5.57
CA ILE A 531 -20.65 17.77 -4.40
C ILE A 531 -20.60 16.40 -3.77
N LEU A 532 -21.77 15.81 -3.56
CA LEU A 532 -21.86 14.54 -2.85
C LEU A 532 -21.28 13.43 -3.71
N GLN A 533 -21.44 13.51 -5.02
CA GLN A 533 -20.89 12.46 -5.88
C GLN A 533 -19.36 12.39 -5.73
N LYS A 534 -18.70 13.55 -5.82
CA LYS A 534 -17.27 13.62 -5.58
C LYS A 534 -16.88 12.96 -4.25
N ILE A 535 -17.75 13.01 -3.23
CA ILE A 535 -17.35 12.49 -1.94
C ILE A 535 -17.56 10.98 -1.89
N LEU A 536 -18.45 10.47 -2.74
CA LEU A 536 -18.59 9.01 -2.85
C LEU A 536 -17.33 8.34 -3.47
N ASP A 537 -16.46 9.16 -4.06
CA ASP A 537 -15.29 8.67 -4.74
C ASP A 537 -14.02 8.82 -3.90
N ASP A 538 -13.87 9.94 -3.20
CA ASP A 538 -12.66 10.12 -2.41
C ASP A 538 -12.92 10.16 -0.90
N LEU A 539 -14.18 10.10 -0.50
CA LEU A 539 -14.54 10.11 0.93
C LEU A 539 -13.91 11.31 1.66
N PHE A 540 -13.75 12.41 0.94
CA PHE A 540 -13.26 13.64 1.55
C PHE A 540 -14.43 14.54 1.95
N LEU A 541 -14.97 14.28 3.15
CA LEU A 541 -16.16 14.98 3.58
C LEU A 541 -15.99 16.49 3.68
N HIS A 542 -14.77 16.95 3.95
CA HIS A 542 -14.55 18.37 4.16
C HIS A 542 -15.01 19.19 2.98
N THR A 543 -15.10 18.60 1.80
CA THR A 543 -15.59 19.40 0.69
C THR A 543 -17.12 19.70 0.82
N LEU A 544 -17.82 18.93 1.65
CA LEU A 544 -19.23 19.19 1.93
C LEU A 544 -19.39 20.38 2.92
N CYS A 545 -18.60 20.39 3.98
CA CYS A 545 -18.50 21.54 4.87
C CYS A 545 -18.13 22.81 4.14
N ASP A 546 -17.15 22.68 3.24
CA ASP A 546 -16.72 23.80 2.43
C ASP A 546 -17.86 24.23 1.55
N TYR A 547 -18.80 23.32 1.33
CA TYR A 547 -19.94 23.69 0.50
C TYR A 547 -21.03 24.36 1.31
N ILE A 548 -21.31 23.84 2.49
CA ILE A 548 -22.24 24.51 3.39
C ILE A 548 -21.79 25.95 3.66
N TYR A 549 -20.48 26.17 3.83
CA TYR A 549 -19.96 27.53 4.08
C TYR A 549 -20.12 28.36 2.82
N GLU A 550 -19.88 27.74 1.66
CA GLU A 550 -19.97 28.49 0.42
C GLU A 550 -21.41 28.87 0.13
N LEU A 551 -22.33 27.94 0.44
CA LEU A 551 -23.75 28.18 0.24
C LEU A 551 -24.19 29.25 1.19
N ALA A 552 -23.82 29.08 2.45
CA ALA A 552 -24.16 30.02 3.50
C ALA A 552 -23.71 31.42 3.15
N THR A 553 -22.57 31.53 2.50
CA THR A 553 -22.08 32.86 2.18
C THR A 553 -22.82 33.42 0.96
N ALA A 554 -23.08 32.60 -0.06
CA ALA A 554 -23.88 33.04 -1.22
C ALA A 554 -25.22 33.66 -0.79
N PHE A 555 -25.80 33.13 0.28
CA PHE A 555 -27.07 33.61 0.77
C PHE A 555 -26.96 35.03 1.34
N THR A 556 -26.01 35.24 2.24
CA THR A 556 -25.82 36.55 2.83
C THR A 556 -25.64 37.59 1.74
N GLU A 557 -24.85 37.26 0.71
CA GLU A 557 -24.62 38.21 -0.39
C GLU A 557 -25.88 38.47 -1.21
N PHE A 558 -26.84 37.58 -1.05
CA PHE A 558 -28.09 37.68 -1.76
C PHE A 558 -29.02 38.51 -0.92
N TYR A 559 -29.01 38.23 0.39
CA TYR A 559 -29.88 38.93 1.32
C TYR A 559 -29.51 40.41 1.48
N ASP A 560 -28.21 40.69 1.49
CA ASP A 560 -27.69 42.06 1.71
C ASP A 560 -27.96 43.03 0.57
N SER A 561 -28.48 42.54 -0.55
CA SER A 561 -28.81 43.40 -1.68
C SER A 561 -30.29 43.24 -2.06
N CYS A 562 -30.74 42.01 -2.22
CA CYS A 562 -32.15 41.77 -2.58
C CYS A 562 -33.10 41.88 -1.36
N TYR A 563 -34.34 42.25 -1.66
CA TYR A 563 -35.38 42.32 -0.64
C TYR A 563 -36.29 41.11 -0.73
N CYS A 564 -36.71 40.61 0.42
CA CYS A 564 -37.74 39.55 0.47
C CYS A 564 -39.02 40.18 0.99
N VAL A 565 -38.84 41.16 1.87
CA VAL A 565 -39.94 41.83 2.54
C VAL A 565 -39.71 43.34 2.60
N ASP A 568 -45.15 51.18 5.67
CA ASP A 568 -43.94 50.36 5.80
C ASP A 568 -42.97 50.97 6.81
N ARG A 569 -42.66 52.23 6.58
CA ARG A 569 -41.98 53.07 7.55
C ARG A 569 -43.05 53.57 8.57
N GLN A 570 -44.21 52.91 8.54
CA GLN A 570 -45.36 53.14 9.40
C GLN A 570 -45.55 51.98 10.40
N LYS A 573 -44.55 48.11 9.46
CA LYS A 573 -45.54 47.22 8.85
C LYS A 573 -45.09 46.87 7.41
N ILE A 574 -45.89 46.07 6.67
CA ILE A 574 -45.53 45.46 5.35
C ILE A 574 -44.67 46.25 4.32
N LEU A 575 -43.49 45.71 3.99
CA LEU A 575 -42.80 45.93 2.70
C LEU A 575 -43.06 44.66 1.90
N LYS A 576 -43.68 44.75 0.73
CA LYS A 576 -44.32 43.58 0.08
C LYS A 576 -43.47 42.29 0.06
N VAL A 577 -44.13 41.14 -0.04
CA VAL A 577 -43.41 39.85 -0.05
C VAL A 577 -43.18 39.32 -1.48
N ASN A 578 -41.91 39.20 -1.85
CA ASN A 578 -41.54 38.58 -3.12
C ASN A 578 -41.46 37.08 -2.89
N MET A 579 -42.56 36.42 -3.24
CA MET A 579 -42.76 35.04 -2.83
C MET A 579 -41.67 34.11 -3.37
N TRP A 580 -41.10 34.48 -4.51
CA TRP A 580 -40.06 33.65 -5.11
C TRP A 580 -38.76 33.73 -4.30
N ARG A 581 -38.52 34.86 -3.64
CA ARG A 581 -37.33 34.93 -2.79
C ARG A 581 -37.59 34.29 -1.44
N MET A 582 -38.86 34.12 -1.11
CA MET A 582 -39.20 33.36 0.08
C MET A 582 -38.84 31.90 -0.16
N LEU A 583 -39.00 31.46 -1.40
CA LEU A 583 -38.72 30.10 -1.78
C LEU A 583 -37.21 29.85 -1.93
N LEU A 584 -36.48 30.84 -2.45
CA LEU A 584 -35.03 30.76 -2.53
C LEU A 584 -34.47 30.48 -1.14
N CYS A 585 -34.94 31.23 -0.16
CA CYS A 585 -34.54 31.03 1.23
C CYS A 585 -34.84 29.61 1.67
N GLU A 586 -35.94 29.06 1.16
CA GLU A 586 -36.35 27.72 1.58
C GLU A 586 -35.51 26.66 0.88
N ALA A 587 -35.11 26.96 -0.36
CA ALA A 587 -34.22 26.08 -1.10
C ALA A 587 -32.90 25.98 -0.36
N VAL A 588 -32.24 27.12 -0.15
CA VAL A 588 -31.05 27.18 0.68
C VAL A 588 -31.22 26.40 2.00
N ALA A 589 -32.40 26.51 2.63
CA ALA A 589 -32.62 25.89 3.93
C ALA A 589 -32.67 24.36 3.86
N ALA A 590 -33.33 23.88 2.81
CA ALA A 590 -33.55 22.44 2.61
C ALA A 590 -32.24 21.70 2.40
N VAL A 591 -31.36 22.34 1.63
CA VAL A 591 -30.10 21.77 1.20
C VAL A 591 -29.07 21.80 2.35
N MET A 592 -28.98 22.93 3.03
CA MET A 592 -28.21 22.99 4.28
C MET A 592 -28.76 21.93 5.24
N ALA A 593 -30.08 21.75 5.25
CA ALA A 593 -30.65 20.84 6.23
C ALA A 593 -30.14 19.43 5.94
N LYS A 594 -30.10 19.05 4.67
CA LYS A 594 -29.63 17.72 4.32
C LYS A 594 -28.11 17.60 4.55
N GLY A 595 -27.35 18.57 4.05
CA GLY A 595 -25.93 18.63 4.31
C GLY A 595 -25.58 18.49 5.80
N PHE A 596 -26.35 19.15 6.65
CA PHE A 596 -26.18 19.00 8.09
C PHE A 596 -26.44 17.58 8.53
N ASP A 597 -27.47 16.98 7.94
CA ASP A 597 -27.88 15.67 8.39
C ASP A 597 -26.80 14.64 8.08
N ILE A 598 -26.21 14.75 6.89
CA ILE A 598 -25.13 13.88 6.49
C ILE A 598 -23.94 14.00 7.44
N LEU A 599 -23.59 15.23 7.78
CA LEU A 599 -22.48 15.47 8.70
C LEU A 599 -22.78 15.06 10.12
N GLY A 600 -24.05 14.81 10.43
CA GLY A 600 -24.40 14.39 11.77
C GLY A 600 -24.68 15.59 12.68
N ILE A 601 -25.08 16.70 12.07
CA ILE A 601 -25.51 17.89 12.80
C ILE A 601 -27.03 18.02 12.92
N LYS A 602 -27.55 18.27 14.11
CA LYS A 602 -29.01 18.28 14.29
C LYS A 602 -29.46 19.70 14.54
N PRO A 603 -29.76 20.42 13.46
CA PRO A 603 -29.93 21.88 13.54
C PRO A 603 -31.20 22.28 14.27
N VAL A 604 -31.20 23.43 14.92
CA VAL A 604 -32.39 23.97 15.55
C VAL A 604 -32.86 25.13 14.72
N GLN A 605 -34.09 25.54 14.99
CA GLN A 605 -34.75 26.58 14.23
C GLN A 605 -34.61 27.97 14.88
N ARG A 606 -34.63 28.02 16.22
CA ARG A 606 -34.65 29.34 16.88
C ARG A 606 -33.30 29.78 17.44
N MET A 607 -32.70 29.00 18.33
CA MET A 607 -31.44 29.43 18.96
C MET A 607 -31.56 30.82 19.61
N ALA B 18 18.03 -30.84 -22.44
CA ALA B 18 17.45 -29.69 -23.09
C ALA B 18 16.64 -28.91 -22.07
N SER B 19 17.35 -28.37 -21.07
CA SER B 19 16.83 -27.54 -19.96
C SER B 19 16.10 -28.38 -18.86
N MET B 20 16.27 -28.00 -17.60
CA MET B 20 15.81 -28.83 -16.47
C MET B 20 14.31 -28.86 -16.32
N ILE B 21 13.81 -29.73 -15.45
CA ILE B 21 12.37 -29.84 -15.26
C ILE B 21 11.94 -29.35 -13.88
N ASN B 22 11.01 -28.41 -13.81
CA ASN B 22 10.39 -28.09 -12.54
C ASN B 22 9.48 -29.21 -12.05
N ILE B 23 9.99 -30.03 -11.14
CA ILE B 23 9.27 -31.21 -10.69
C ILE B 23 7.97 -30.88 -9.94
N ILE B 24 7.99 -29.82 -9.12
CA ILE B 24 6.79 -29.39 -8.41
C ILE B 24 5.70 -28.94 -9.38
N SER B 25 6.05 -28.19 -10.40
CA SER B 25 5.02 -27.78 -11.35
C SER B 25 4.54 -29.02 -12.10
N ARG B 26 5.40 -30.01 -12.23
CA ARG B 26 5.02 -31.21 -12.97
C ARG B 26 4.08 -32.05 -12.10
N LEU B 27 4.47 -32.31 -10.86
CA LEU B 27 3.60 -33.04 -9.96
C LEU B 27 2.28 -32.29 -9.79
N GLN B 28 2.30 -30.96 -9.86
CA GLN B 28 1.06 -30.15 -9.81
C GLN B 28 0.21 -30.37 -11.08
N GLU B 29 0.86 -30.51 -12.23
CA GLU B 29 0.14 -30.79 -13.48
C GLU B 29 -0.52 -32.17 -13.41
N VAL B 30 0.24 -33.14 -12.90
CA VAL B 30 -0.18 -34.54 -12.92
C VAL B 30 -1.20 -34.87 -11.83
N PHE B 31 -1.39 -33.98 -10.87
CA PHE B 31 -2.38 -34.20 -9.84
C PHE B 31 -3.69 -33.48 -10.16
N GLY B 32 -3.59 -32.31 -10.79
CA GLY B 32 -4.77 -31.58 -11.21
C GLY B 32 -5.52 -32.35 -12.29
N HIS B 33 -4.81 -33.19 -13.04
CA HIS B 33 -5.46 -34.12 -13.96
C HIS B 33 -6.22 -35.16 -13.17
N ALA B 34 -5.59 -35.70 -12.14
CA ALA B 34 -6.21 -36.75 -11.33
C ALA B 34 -7.36 -36.21 -10.49
N ILE B 35 -7.31 -34.92 -10.18
CA ILE B 35 -8.35 -34.28 -9.38
C ILE B 35 -9.55 -33.83 -10.24
N LYS B 36 -9.25 -33.29 -11.43
CA LYS B 36 -10.28 -32.99 -12.44
C LYS B 36 -11.05 -34.26 -12.77
N ALA B 37 -10.35 -35.39 -12.66
CA ALA B 37 -10.89 -36.71 -12.99
C ALA B 37 -11.77 -37.31 -11.89
N ALA B 38 -11.41 -37.04 -10.64
CA ALA B 38 -12.09 -37.64 -9.49
C ALA B 38 -13.19 -36.74 -8.94
N TYR B 39 -13.03 -35.45 -9.16
CA TYR B 39 -14.00 -34.43 -8.77
C TYR B 39 -13.99 -33.31 -9.81
N PRO B 40 -14.65 -33.52 -10.97
CA PRO B 40 -14.71 -32.56 -12.09
C PRO B 40 -15.61 -31.33 -11.85
N ASP B 41 -16.50 -31.42 -10.87
CA ASP B 41 -17.44 -30.34 -10.62
C ASP B 41 -16.80 -29.32 -9.68
N LEU B 42 -15.63 -29.65 -9.14
CA LEU B 42 -15.00 -28.76 -8.18
C LEU B 42 -14.19 -27.68 -8.91
N GLU B 43 -14.07 -26.52 -8.26
CA GLU B 43 -13.54 -25.34 -8.91
C GLU B 43 -12.29 -24.82 -8.22
N ASN B 44 -11.19 -24.78 -8.97
CA ASN B 44 -9.90 -24.34 -8.45
C ASN B 44 -9.56 -25.04 -7.13
N PRO B 45 -9.10 -26.29 -7.18
CA PRO B 45 -8.71 -27.00 -5.95
C PRO B 45 -7.25 -26.71 -5.55
N PRO B 46 -6.94 -26.84 -4.25
CA PRO B 46 -5.56 -26.60 -3.82
C PRO B 46 -4.59 -27.64 -4.39
N LEU B 47 -3.53 -27.17 -5.05
CA LEU B 47 -2.49 -28.06 -5.53
C LEU B 47 -1.21 -27.75 -4.76
N LEU B 48 -1.26 -28.00 -3.46
CA LEU B 48 -0.10 -27.79 -2.61
C LEU B 48 0.82 -29.00 -2.75
N VAL B 49 1.77 -28.90 -3.67
CA VAL B 49 2.80 -29.93 -3.86
C VAL B 49 4.12 -29.42 -3.34
N THR B 50 4.67 -30.15 -2.38
CA THR B 50 5.91 -29.72 -1.73
C THR B 50 6.88 -30.87 -1.48
N PRO B 51 8.19 -30.56 -1.41
CA PRO B 51 9.21 -31.60 -1.17
C PRO B 51 9.14 -32.18 0.24
N SER B 52 9.18 -33.50 0.36
CA SER B 52 9.23 -34.15 1.67
C SER B 52 10.63 -33.98 2.26
N GLN B 53 10.73 -33.37 3.44
CA GLN B 53 12.05 -33.11 4.02
C GLN B 53 12.41 -34.22 4.97
N GLN B 54 12.19 -35.45 4.53
CA GLN B 54 12.52 -36.65 5.30
C GLN B 54 12.62 -37.90 4.42
N ALA B 55 13.55 -38.76 4.80
CA ALA B 55 13.89 -39.96 4.05
C ALA B 55 12.65 -40.81 3.75
N LYS B 56 11.91 -41.15 4.80
CA LYS B 56 10.81 -42.09 4.71
C LYS B 56 9.59 -41.58 3.94
N PHE B 57 9.26 -40.29 4.07
CA PHE B 57 7.97 -39.81 3.56
C PHE B 57 7.90 -39.69 2.05
N GLY B 58 8.95 -40.12 1.35
CA GLY B 58 9.00 -39.93 -0.09
C GLY B 58 9.76 -38.67 -0.46
N ASP B 59 9.60 -38.21 -1.69
CA ASP B 59 10.42 -37.11 -2.18
C ASP B 59 9.63 -35.82 -2.33
N TYR B 60 8.32 -35.95 -2.52
CA TYR B 60 7.38 -34.83 -2.58
C TYR B 60 6.08 -35.22 -1.90
N GLN B 61 5.37 -34.21 -1.36
CA GLN B 61 4.07 -34.44 -0.74
C GLN B 61 2.98 -33.68 -1.50
N CYS B 62 1.80 -34.29 -1.62
CA CYS B 62 0.66 -33.55 -2.17
C CYS B 62 -0.46 -33.42 -1.13
N ASN B 63 -0.60 -32.19 -0.63
CA ASN B 63 -1.61 -31.83 0.37
C ASN B 63 -2.81 -31.16 -0.28
N SER B 64 -3.68 -31.98 -0.85
CA SER B 64 -4.75 -31.50 -1.69
C SER B 64 -6.06 -32.13 -1.26
N ALA B 65 -5.96 -33.32 -0.68
CA ALA B 65 -7.13 -33.94 -0.10
C ALA B 65 -7.48 -33.22 1.20
N MET B 66 -6.54 -32.41 1.68
CA MET B 66 -6.77 -31.55 2.83
C MET B 66 -7.69 -30.40 2.51
N GLY B 67 -7.27 -29.54 1.58
CA GLY B 67 -8.03 -28.36 1.26
C GLY B 67 -9.29 -28.67 0.48
N ILE B 68 -9.32 -29.83 -0.18
CA ILE B 68 -10.52 -30.26 -0.90
C ILE B 68 -11.59 -30.67 0.09
N SER B 69 -11.21 -31.25 1.23
CA SER B 69 -12.20 -31.59 2.24
C SER B 69 -12.83 -30.29 2.78
N GLN B 70 -12.01 -29.29 3.10
CA GLN B 70 -12.51 -28.03 3.66
C GLN B 70 -13.30 -27.16 2.68
N MET B 71 -13.15 -27.39 1.39
CA MET B 71 -13.97 -26.68 0.40
C MET B 71 -15.39 -27.25 0.36
N LEU B 72 -15.52 -28.55 0.62
CA LEU B 72 -16.83 -29.22 0.61
C LEU B 72 -17.55 -29.10 1.96
N LYS B 73 -16.84 -28.55 2.94
CA LYS B 73 -17.32 -28.42 4.32
C LYS B 73 -18.52 -27.49 4.44
N LYS B 75 -21.36 -28.26 6.69
CA LYS B 75 -21.74 -27.81 8.03
C LYS B 75 -22.05 -28.98 8.98
N GLU B 76 -22.86 -29.92 8.50
CA GLU B 76 -23.23 -31.09 9.29
C GLU B 76 -22.74 -32.30 8.53
N GLN B 77 -21.80 -32.02 7.63
CA GLN B 77 -21.10 -33.00 6.81
C GLN B 77 -19.64 -32.57 6.63
N LYS B 78 -18.70 -33.41 7.09
CA LYS B 78 -17.28 -33.13 6.90
C LYS B 78 -16.62 -34.35 6.27
N VAL B 79 -16.32 -34.27 4.97
CA VAL B 79 -15.76 -35.42 4.26
C VAL B 79 -14.33 -35.74 4.72
N ASN B 80 -14.12 -36.96 5.20
CA ASN B 80 -12.80 -37.40 5.69
C ASN B 80 -11.82 -37.57 4.54
N PRO B 81 -10.64 -36.93 4.64
CA PRO B 81 -9.68 -36.78 3.55
C PRO B 81 -9.10 -38.09 2.99
N ARG B 82 -8.87 -39.09 3.84
CA ARG B 82 -8.26 -40.36 3.40
C ARG B 82 -9.02 -40.93 2.21
N GLU B 83 -10.34 -40.72 2.21
CA GLU B 83 -11.21 -41.19 1.14
C GLU B 83 -11.16 -40.29 -0.07
N ILE B 84 -10.76 -39.03 0.15
CA ILE B 84 -10.62 -38.10 -0.96
C ILE B 84 -9.32 -38.44 -1.69
N ALA B 85 -8.23 -38.55 -0.92
CA ALA B 85 -6.93 -38.91 -1.48
C ALA B 85 -7.04 -40.18 -2.30
N GLU B 86 -7.79 -41.15 -1.76
CA GLU B 86 -8.04 -42.40 -2.47
C GLU B 86 -8.65 -42.16 -3.84
N ASN B 87 -9.82 -41.52 -3.88
CA ASN B 87 -10.46 -41.19 -5.14
C ASN B 87 -9.52 -40.33 -6.01
N ILE B 88 -8.60 -39.62 -5.36
CA ILE B 88 -7.59 -38.84 -6.07
C ILE B 88 -6.51 -39.74 -6.68
N THR B 89 -5.95 -40.64 -5.86
CA THR B 89 -4.91 -41.55 -6.34
C THR B 89 -5.46 -42.52 -7.38
N LYS B 90 -6.70 -42.97 -7.17
CA LYS B 90 -7.36 -43.93 -8.07
C LYS B 90 -7.31 -43.49 -9.54
N HIS B 91 -7.38 -42.18 -9.78
CA HIS B 91 -7.43 -41.63 -11.13
C HIS B 91 -6.10 -41.01 -11.59
N LEU B 92 -5.03 -41.20 -10.83
CA LEU B 92 -3.75 -40.57 -11.19
C LEU B 92 -3.28 -41.12 -12.54
N PRO B 93 -3.15 -40.22 -13.53
CA PRO B 93 -2.79 -40.64 -14.88
C PRO B 93 -1.40 -41.29 -14.92
N ASP B 94 -1.01 -41.75 -16.10
CA ASP B 94 0.33 -42.24 -16.27
C ASP B 94 1.23 -41.03 -16.48
N ASN B 95 2.48 -41.18 -16.09
CA ASN B 95 3.46 -40.10 -16.08
C ASN B 95 4.81 -40.64 -16.53
N GLU B 96 5.89 -40.04 -16.04
CA GLU B 96 7.23 -40.51 -16.36
C GLU B 96 8.16 -40.25 -15.19
N CYS B 97 7.58 -39.95 -14.03
CA CYS B 97 8.38 -39.55 -12.89
C CYS B 97 7.91 -40.17 -11.60
N ILE B 98 6.73 -40.79 -11.64
CA ILE B 98 6.14 -41.34 -10.43
C ILE B 98 6.31 -42.85 -10.34
N GLU B 99 6.93 -43.29 -9.24
CA GLU B 99 7.08 -44.71 -8.93
C GLU B 99 5.85 -45.21 -8.19
N LYS B 100 5.81 -44.92 -6.90
CA LYS B 100 4.65 -45.30 -6.12
C LYS B 100 4.05 -44.07 -5.41
N VAL B 101 2.81 -44.23 -4.98
CA VAL B 101 2.09 -43.19 -4.27
C VAL B 101 1.60 -43.79 -2.96
N GLU B 102 1.76 -43.06 -1.88
CA GLU B 102 1.37 -43.54 -0.57
C GLU B 102 0.41 -42.56 0.09
N ILE B 103 -0.50 -43.06 0.93
CA ILE B 103 -1.37 -42.19 1.69
C ILE B 103 -1.07 -42.32 3.19
N ALA B 104 -0.72 -41.22 3.84
CA ALA B 104 -0.43 -41.26 5.26
C ALA B 104 -1.40 -40.40 6.07
N GLY B 105 -1.48 -40.67 7.38
CA GLY B 105 -2.29 -39.91 8.33
C GLY B 105 -3.77 -39.74 8.00
N PRO B 106 -4.20 -38.49 7.79
CA PRO B 106 -5.50 -38.26 7.14
C PRO B 106 -5.33 -38.41 5.62
N GLY B 107 -5.46 -37.32 4.87
CA GLY B 107 -5.36 -37.40 3.42
C GLY B 107 -4.05 -36.90 2.83
N PHE B 108 -2.93 -37.10 3.53
CA PHE B 108 -1.63 -36.74 2.95
C PHE B 108 -1.26 -37.79 1.92
N ILE B 109 -0.86 -37.31 0.74
CA ILE B 109 -0.40 -38.18 -0.33
C ILE B 109 1.11 -38.06 -0.57
N ASN B 110 1.84 -39.10 -0.18
CA ASN B 110 3.30 -39.12 -0.35
C ASN B 110 3.73 -39.61 -1.75
N VAL B 111 4.70 -38.92 -2.36
CA VAL B 111 5.09 -39.24 -3.73
C VAL B 111 6.53 -39.79 -3.80
N HIS B 112 6.67 -40.95 -4.44
CA HIS B 112 7.99 -41.56 -4.70
C HIS B 112 8.35 -41.48 -6.18
N LEU B 113 9.52 -40.90 -6.44
CA LEU B 113 9.96 -40.70 -7.81
C LEU B 113 10.60 -41.97 -8.45
N ARG B 114 10.41 -42.09 -9.77
CA ARG B 114 11.08 -43.13 -10.52
C ARG B 114 12.58 -42.86 -10.38
N LYS B 115 13.33 -43.87 -9.91
CA LYS B 115 14.80 -43.75 -9.81
C LYS B 115 15.44 -43.42 -11.15
N ASP B 116 15.01 -44.14 -12.19
CA ASP B 116 15.49 -43.92 -13.55
C ASP B 116 15.39 -42.45 -13.90
N PHE B 117 14.17 -41.91 -13.78
CA PHE B 117 13.87 -40.51 -14.09
C PHE B 117 14.87 -39.54 -13.46
N VAL B 118 15.10 -39.65 -12.15
CA VAL B 118 16.06 -38.77 -11.50
C VAL B 118 17.42 -38.92 -12.14
N SER B 119 17.84 -40.17 -12.36
CA SER B 119 19.12 -40.47 -13.01
C SER B 119 19.22 -39.87 -14.39
N GLU B 120 18.23 -40.16 -15.22
CA GLU B 120 18.22 -39.63 -16.57
C GLU B 120 18.34 -38.11 -16.56
N GLN B 121 17.67 -37.44 -15.62
CA GLN B 121 17.66 -35.98 -15.54
C GLN B 121 19.02 -35.44 -15.04
N LEU B 122 19.60 -36.12 -14.05
CA LEU B 122 20.96 -35.81 -13.58
C LEU B 122 21.96 -35.84 -14.76
N THR B 123 21.82 -36.82 -15.65
CA THR B 123 22.64 -36.88 -16.85
C THR B 123 22.40 -35.64 -17.70
N SER B 124 21.11 -35.37 -17.98
CA SER B 124 20.69 -34.30 -18.89
C SER B 124 21.30 -32.93 -18.59
N LEU B 125 21.62 -32.68 -17.32
CA LEU B 125 22.21 -31.39 -16.97
C LEU B 125 23.74 -31.43 -17.03
N LEU B 126 24.31 -32.60 -17.33
CA LEU B 126 25.76 -32.73 -17.46
C LEU B 126 26.17 -32.59 -18.91
N VAL B 127 25.26 -32.99 -19.78
CA VAL B 127 25.53 -32.93 -21.21
C VAL B 127 24.97 -31.66 -21.80
N ASN B 128 23.69 -31.42 -21.54
CA ASN B 128 23.04 -30.21 -22.03
C ASN B 128 23.36 -29.00 -21.17
N GLY B 129 23.66 -29.25 -19.89
CA GLY B 129 24.12 -28.19 -19.02
C GLY B 129 23.03 -27.62 -18.13
N VAL B 130 23.43 -26.80 -17.17
CA VAL B 130 22.49 -26.20 -16.25
C VAL B 130 21.80 -25.01 -16.91
N GLN B 131 20.61 -25.24 -17.45
CA GLN B 131 19.85 -24.16 -18.07
C GLN B 131 18.36 -24.37 -17.89
N LEU B 132 17.63 -23.26 -17.75
CA LEU B 132 16.19 -23.29 -17.55
C LEU B 132 15.42 -23.30 -18.86
N PRO B 133 14.14 -23.74 -18.82
CA PRO B 133 13.26 -23.61 -19.99
C PRO B 133 13.05 -22.15 -20.42
N ALA B 134 11.97 -21.87 -21.11
CA ALA B 134 11.74 -20.52 -21.63
C ALA B 134 10.42 -19.91 -21.16
N LEU B 135 9.98 -18.91 -21.91
CA LEU B 135 8.77 -18.18 -21.55
C LEU B 135 7.58 -18.65 -22.41
N ASN B 138 8.73 -14.05 -24.71
CA ASN B 138 9.77 -13.24 -24.07
C ASN B 138 9.24 -11.88 -23.60
N LYS B 139 8.90 -11.87 -22.31
CA LYS B 139 8.45 -10.70 -21.56
C LYS B 139 9.61 -9.74 -21.22
N LYS B 140 9.28 -8.50 -20.85
CA LYS B 140 10.31 -7.51 -20.56
C LYS B 140 10.32 -7.00 -19.13
N VAL B 141 11.28 -7.51 -18.35
CA VAL B 141 11.42 -7.14 -16.94
C VAL B 141 12.35 -5.94 -16.77
N ILE B 142 11.87 -4.91 -16.08
CA ILE B 142 12.66 -3.72 -15.78
C ILE B 142 13.09 -3.70 -14.33
N VAL B 143 14.37 -3.52 -14.07
CA VAL B 143 14.83 -3.55 -12.68
C VAL B 143 15.46 -2.23 -12.29
N ASP B 144 14.88 -1.62 -11.28
CA ASP B 144 15.28 -0.31 -10.84
C ASP B 144 16.06 -0.46 -9.54
N PHE B 145 17.37 -0.36 -9.64
CA PHE B 145 18.15 -0.66 -8.46
C PHE B 145 19.47 0.07 -8.43
N SER B 146 20.09 -0.02 -7.24
CA SER B 146 21.24 0.77 -6.81
C SER B 146 20.74 2.19 -6.56
N SER B 147 20.73 3.00 -7.63
CA SER B 147 20.12 4.33 -7.63
C SER B 147 20.60 5.29 -6.55
N PRO B 148 21.92 5.57 -6.51
CA PRO B 148 22.45 6.50 -5.50
C PRO B 148 22.09 7.97 -5.78
N ASN B 149 22.32 8.86 -4.82
CA ASN B 149 22.11 10.30 -5.10
C ASN B 149 23.45 11.03 -5.32
N ILE B 150 23.63 11.60 -6.51
CA ILE B 150 24.83 12.39 -6.85
C ILE B 150 25.15 13.45 -5.82
N ALA B 151 26.44 13.68 -5.58
CA ALA B 151 26.95 14.73 -4.68
C ALA B 151 26.73 14.41 -3.21
N LYS B 152 25.96 13.35 -2.95
CA LYS B 152 25.92 12.78 -1.62
C LYS B 152 26.57 11.42 -1.72
N GLU B 153 27.11 10.96 -0.60
CA GLU B 153 27.82 9.69 -0.54
C GLU B 153 26.93 8.51 -0.89
N MET B 154 27.49 7.55 -1.62
CA MET B 154 26.75 6.33 -1.82
C MET B 154 26.88 5.56 -0.52
N HIS B 155 25.73 5.22 0.05
CA HIS B 155 25.67 4.63 1.39
C HIS B 155 25.23 3.17 1.36
N VAL B 156 25.29 2.52 2.51
CA VAL B 156 25.02 1.09 2.59
C VAL B 156 23.65 0.65 2.07
N GLY B 157 22.68 1.55 2.11
CA GLY B 157 21.34 1.22 1.66
C GLY B 157 21.35 1.19 0.15
N HIS B 158 22.17 2.06 -0.42
CA HIS B 158 22.42 2.01 -1.85
C HIS B 158 23.15 0.69 -2.20
N LEU B 159 23.97 0.18 -1.27
CA LEU B 159 24.69 -1.06 -1.52
C LEU B 159 23.73 -2.24 -1.55
N ARG B 160 22.86 -2.36 -0.56
CA ARG B 160 21.90 -3.48 -0.54
C ARG B 160 21.12 -3.56 -1.85
N SER B 161 20.54 -2.41 -2.21
CA SER B 161 19.78 -2.31 -3.45
C SER B 161 20.66 -2.84 -4.60
N THR B 162 21.90 -2.38 -4.66
CA THR B 162 22.80 -2.83 -5.72
C THR B 162 22.93 -4.35 -5.74
N ILE B 163 23.33 -4.93 -4.61
CA ILE B 163 23.45 -6.37 -4.51
C ILE B 163 22.14 -7.10 -4.82
N ILE B 164 21.06 -6.74 -4.13
CA ILE B 164 19.79 -7.42 -4.35
C ILE B 164 19.28 -7.30 -5.79
N GLY B 165 19.40 -6.10 -6.35
CA GLY B 165 18.94 -5.89 -7.72
C GLY B 165 19.69 -6.69 -8.77
N GLU B 166 21.03 -6.73 -8.66
CA GLU B 166 21.86 -7.43 -9.64
C GLU B 166 21.50 -8.88 -9.69
N SER B 167 21.28 -9.45 -8.52
CA SER B 167 20.94 -10.85 -8.46
C SER B 167 19.52 -11.07 -9.00
N ILE B 168 18.58 -10.16 -8.66
CA ILE B 168 17.23 -10.27 -9.22
C ILE B 168 17.32 -10.13 -10.75
N SER B 169 18.08 -9.14 -11.20
CA SER B 169 18.33 -9.00 -12.63
C SER B 169 18.84 -10.33 -13.22
N ARG B 170 19.82 -10.95 -12.55
CA ARG B 170 20.40 -12.19 -13.05
C ARG B 170 19.44 -13.37 -12.99
N LEU B 171 18.58 -13.40 -11.97
CA LEU B 171 17.66 -14.53 -11.81
C LEU B 171 16.65 -14.58 -12.96
N PHE B 172 16.28 -13.40 -13.46
CA PHE B 172 15.35 -13.31 -14.58
C PHE B 172 16.09 -13.45 -15.92
N GLU B 173 17.32 -12.96 -15.98
CA GLU B 173 18.12 -13.08 -17.19
C GLU B 173 18.32 -14.60 -17.45
N PHE B 174 18.54 -15.35 -16.39
CA PHE B 174 18.70 -16.80 -16.49
C PHE B 174 17.36 -17.49 -16.73
N ALA B 175 16.26 -16.83 -16.38
CA ALA B 175 14.93 -17.42 -16.57
C ALA B 175 14.37 -17.15 -17.97
N GLY B 176 15.15 -16.46 -18.81
CA GLY B 176 14.74 -16.24 -20.18
C GLY B 176 14.14 -14.90 -20.49
N TYR B 177 14.09 -14.00 -19.52
CA TYR B 177 13.48 -12.70 -19.74
C TYR B 177 14.42 -11.70 -20.45
N ASP B 178 13.85 -10.63 -21.00
CA ASP B 178 14.64 -9.54 -21.54
C ASP B 178 14.72 -8.47 -20.47
N VAL B 179 15.92 -8.16 -20.00
CA VAL B 179 16.07 -7.37 -18.79
C VAL B 179 16.79 -6.06 -18.96
N LEU B 180 16.15 -5.01 -18.45
CA LEU B 180 16.67 -3.65 -18.51
C LEU B 180 17.09 -3.21 -17.11
N ARG B 181 18.39 -3.13 -16.87
CA ARG B 181 18.89 -2.75 -15.55
C ARG B 181 19.09 -1.24 -15.54
N LEU B 182 18.18 -0.52 -14.86
CA LEU B 182 18.23 0.94 -14.88
C LEU B 182 18.67 1.48 -13.53
N ASN B 183 19.74 2.28 -13.58
CA ASN B 183 20.24 3.00 -12.43
C ASN B 183 19.51 4.32 -12.33
N HIS B 184 18.56 4.38 -11.40
CA HIS B 184 17.67 5.54 -11.24
C HIS B 184 18.28 6.58 -10.33
N VAL B 185 19.29 7.29 -10.82
CA VAL B 185 20.08 8.11 -9.91
C VAL B 185 19.43 9.47 -9.57
N GLY B 186 19.64 9.90 -8.33
CA GLY B 186 19.20 11.23 -7.92
C GLY B 186 20.13 12.31 -8.41
N ASP B 187 19.98 12.67 -9.69
CA ASP B 187 20.79 13.71 -10.33
C ASP B 187 19.97 14.98 -10.75
N TRP B 188 18.87 15.27 -10.04
CA TRP B 188 18.03 16.39 -10.42
C TRP B 188 17.51 17.15 -9.20
N GLY B 189 18.21 17.00 -8.07
CA GLY B 189 17.81 17.64 -6.82
C GLY B 189 17.98 19.15 -6.83
N THR B 190 17.62 19.80 -5.72
CA THR B 190 17.82 21.24 -5.62
C THR B 190 19.21 21.49 -5.02
N GLN B 191 19.86 20.43 -4.55
CA GLN B 191 21.14 20.57 -3.88
C GLN B 191 22.20 20.87 -4.91
N PHE B 192 21.89 20.65 -6.19
CA PHE B 192 22.80 21.04 -7.26
C PHE B 192 23.01 22.54 -7.30
N GLY B 193 21.98 23.29 -6.84
CA GLY B 193 22.03 24.74 -6.84
C GLY B 193 23.27 25.31 -6.17
N MET B 194 23.55 24.83 -4.96
CA MET B 194 24.69 25.32 -4.20
C MET B 194 25.99 24.76 -4.79
N LEU B 195 25.90 23.56 -5.33
CA LEU B 195 27.05 22.94 -5.97
C LEU B 195 27.45 23.71 -7.21
N ILE B 196 26.46 23.94 -8.07
CA ILE B 196 26.68 24.64 -9.33
C ILE B 196 27.13 26.08 -9.13
N ALA B 197 26.55 26.77 -8.16
CA ALA B 197 26.94 28.16 -7.88
C ALA B 197 28.37 28.21 -7.40
N HIS B 198 28.74 27.24 -6.58
CA HIS B 198 30.08 27.19 -6.03
C HIS B 198 31.10 26.79 -7.10
N LEU B 199 30.70 25.85 -7.95
CA LEU B 199 31.52 25.41 -9.06
C LEU B 199 31.92 26.59 -9.90
N GLN B 200 30.96 27.47 -10.14
CA GLN B 200 31.18 28.67 -10.94
C GLN B 200 32.11 29.64 -10.22
N ASP B 201 32.15 29.51 -8.90
CA ASP B 201 33.02 30.35 -8.10
C ASP B 201 34.45 29.77 -8.03
N LYS B 202 34.57 28.52 -7.58
CA LYS B 202 35.89 27.89 -7.37
C LYS B 202 36.62 27.63 -8.69
N PHE B 203 35.87 27.56 -9.79
CA PHE B 203 36.46 27.25 -11.07
C PHE B 203 35.84 28.06 -12.20
N PRO B 204 36.12 29.38 -12.24
CA PRO B 204 35.48 30.31 -13.18
C PRO B 204 35.90 30.12 -14.62
N ASP B 205 36.15 28.88 -15.01
CA ASP B 205 36.51 28.58 -16.39
C ASP B 205 36.06 27.17 -16.78
N TYR B 206 35.15 26.62 -16.00
CA TYR B 206 34.63 25.27 -16.18
C TYR B 206 34.21 24.97 -17.60
N LEU B 207 33.79 26.00 -18.32
CA LEU B 207 33.32 25.84 -19.70
C LEU B 207 34.44 25.37 -20.64
N THR B 208 35.69 25.65 -20.26
CA THR B 208 36.87 25.38 -21.09
C THR B 208 37.94 24.55 -20.36
N VAL B 209 38.20 24.88 -19.10
CA VAL B 209 39.12 24.12 -18.26
C VAL B 209 38.35 23.17 -17.34
N SER B 210 38.26 21.91 -17.75
CA SER B 210 37.60 20.86 -16.97
C SER B 210 38.07 20.89 -15.52
N PRO B 211 37.22 21.39 -14.63
CA PRO B 211 37.67 21.69 -13.27
C PRO B 211 38.07 20.41 -12.54
N PRO B 212 39.19 20.49 -11.82
CA PRO B 212 39.68 19.44 -10.92
C PRO B 212 39.03 19.51 -9.54
N ILE B 213 37.81 19.00 -9.43
CA ILE B 213 37.16 18.94 -8.13
C ILE B 213 37.53 17.67 -7.41
N GLY B 214 37.83 17.76 -6.12
CA GLY B 214 38.41 16.65 -5.38
C GLY B 214 37.43 15.58 -4.93
N ASP B 215 37.39 15.33 -3.62
CA ASP B 215 36.34 14.47 -3.09
C ASP B 215 35.07 15.26 -3.26
N LEU B 216 34.11 14.69 -3.97
CA LEU B 216 32.86 15.35 -4.21
C LEU B 216 32.13 15.67 -2.91
N GLN B 217 32.52 15.00 -1.84
CA GLN B 217 31.93 15.26 -0.52
C GLN B 217 32.55 16.50 0.11
N VAL B 218 33.85 16.71 -0.11
CA VAL B 218 34.52 17.88 0.46
C VAL B 218 34.02 19.14 -0.26
N PHE B 219 33.64 18.98 -1.52
CA PHE B 219 33.09 20.06 -2.32
C PHE B 219 31.68 20.39 -1.84
N TYR B 220 30.86 19.35 -1.69
CA TYR B 220 29.48 19.48 -1.23
C TYR B 220 29.43 20.20 0.12
N LYS B 221 30.38 19.87 0.98
CA LYS B 221 30.47 20.48 2.30
C LYS B 221 30.76 21.98 2.20
N GLU B 222 31.72 22.33 1.35
CA GLU B 222 32.09 23.73 1.11
C GLU B 222 30.89 24.55 0.70
N SER B 223 30.02 23.92 -0.07
CA SER B 223 28.84 24.58 -0.62
C SER B 223 27.76 24.78 0.44
N LYS B 224 27.46 23.70 1.18
CA LYS B 224 26.40 23.74 2.20
C LYS B 224 26.79 24.68 3.33
N LYS B 225 28.09 24.90 3.51
CA LYS B 225 28.52 25.92 4.43
C LYS B 225 28.05 27.27 3.88
N ARG B 226 28.54 27.60 2.68
CA ARG B 226 28.15 28.82 1.98
C ARG B 226 26.62 28.99 1.97
N PHE B 227 25.94 27.91 1.65
CA PHE B 227 24.48 27.89 1.65
C PHE B 227 23.89 28.34 2.99
N ASP B 228 24.37 27.73 4.07
CA ASP B 228 23.83 27.98 5.41
C ASP B 228 24.30 29.33 6.00
N THR B 229 25.37 29.90 5.42
CA THR B 229 25.99 31.13 5.93
C THR B 229 25.53 32.36 5.15
N GLU B 230 25.83 32.36 3.86
CA GLU B 230 25.61 33.53 3.03
C GLU B 230 24.24 33.50 2.37
N GLU B 231 23.39 34.45 2.76
CA GLU B 231 22.02 34.47 2.26
C GLU B 231 21.95 34.93 0.79
N GLU B 232 22.87 35.80 0.39
CA GLU B 232 22.90 36.27 -0.99
C GLU B 232 23.42 35.14 -1.88
N PHE B 233 24.09 34.19 -1.26
CA PHE B 233 24.55 33.01 -1.98
C PHE B 233 23.41 32.03 -2.17
N LYS B 234 22.59 31.88 -1.12
CA LYS B 234 21.46 30.96 -1.11
C LYS B 234 20.46 31.32 -2.20
N LYS B 235 20.30 32.62 -2.45
CA LYS B 235 19.39 33.06 -3.50
C LYS B 235 19.94 32.63 -4.85
N ARG B 236 21.25 32.81 -5.04
CA ARG B 236 21.95 32.35 -6.25
C ARG B 236 21.74 30.87 -6.52
N ALA B 237 21.95 30.06 -5.49
CA ALA B 237 21.79 28.61 -5.61
C ALA B 237 20.37 28.27 -6.04
N TYR B 238 19.38 28.91 -5.40
CA TYR B 238 17.97 28.69 -5.72
C TYR B 238 17.65 29.15 -7.13
N GLN B 239 18.38 30.16 -7.60
CA GLN B 239 18.25 30.63 -8.96
C GLN B 239 18.91 29.66 -9.95
N CYS B 240 20.06 29.10 -9.56
CA CYS B 240 20.77 28.14 -10.40
C CYS B 240 19.91 26.91 -10.68
N VAL B 241 19.18 26.47 -9.65
CA VAL B 241 18.26 25.35 -9.82
C VAL B 241 17.21 25.65 -10.89
N VAL B 242 16.63 26.86 -10.85
CA VAL B 242 15.65 27.28 -11.85
C VAL B 242 16.24 27.24 -13.26
N LEU B 243 17.45 27.78 -13.41
CA LEU B 243 18.09 27.90 -14.70
C LEU B 243 18.35 26.55 -15.32
N LEU B 244 18.63 25.57 -14.47
CA LEU B 244 18.95 24.23 -14.93
C LEU B 244 17.71 23.53 -15.52
N GLN B 245 16.61 23.62 -14.79
CA GLN B 245 15.34 23.03 -15.21
C GLN B 245 14.85 23.74 -16.49
N GLY B 246 15.45 24.90 -16.77
CA GLY B 246 15.21 25.62 -18.02
C GLY B 246 16.20 25.28 -19.11
N LYS B 247 17.09 24.33 -18.82
CA LYS B 247 18.08 23.83 -19.79
C LYS B 247 19.05 24.92 -20.23
N ASN B 248 19.39 25.83 -19.32
CA ASN B 248 20.34 26.89 -19.62
C ASN B 248 21.70 26.29 -19.89
N PRO B 249 22.26 26.60 -21.06
CA PRO B 249 23.57 26.15 -21.55
C PRO B 249 24.69 26.11 -20.49
N ASP B 250 25.12 27.25 -19.98
CA ASP B 250 26.25 27.31 -19.04
C ASP B 250 25.98 26.50 -17.77
N ILE B 251 24.77 26.63 -17.23
CA ILE B 251 24.37 25.95 -16.00
C ILE B 251 24.29 24.43 -16.21
N THR B 252 23.73 24.02 -17.35
CA THR B 252 23.67 22.60 -17.68
C THR B 252 25.06 21.98 -17.79
N LYS B 253 25.97 22.71 -18.43
CA LYS B 253 27.34 22.26 -18.60
C LYS B 253 27.97 22.00 -17.24
N ALA B 254 27.79 22.93 -16.32
CA ALA B 254 28.30 22.80 -14.96
C ALA B 254 27.75 21.56 -14.28
N TRP B 255 26.53 21.18 -14.64
CA TRP B 255 25.87 20.03 -14.05
C TRP B 255 26.45 18.72 -14.54
N LYS B 256 26.61 18.60 -15.86
CA LYS B 256 27.23 17.42 -16.48
C LYS B 256 28.65 17.18 -15.97
N LEU B 257 29.40 18.25 -15.71
CA LEU B 257 30.76 18.11 -15.21
C LEU B 257 30.83 17.56 -13.78
N ILE B 258 29.81 17.83 -12.97
CA ILE B 258 29.77 17.35 -11.60
C ILE B 258 29.42 15.86 -11.59
N CYS B 259 28.43 15.52 -12.39
CA CYS B 259 27.97 14.16 -12.51
C CYS B 259 29.07 13.30 -13.08
N ASP B 260 29.90 13.91 -13.92
CA ASP B 260 31.11 13.28 -14.45
C ASP B 260 32.00 12.79 -13.33
N VAL B 261 32.32 13.72 -12.42
CA VAL B 261 33.17 13.41 -11.30
C VAL B 261 32.60 12.30 -10.43
N SER B 262 31.27 12.32 -10.23
CA SER B 262 30.65 11.29 -9.39
C SER B 262 30.57 9.96 -10.14
N ARG B 263 30.37 10.03 -11.46
CA ARG B 263 30.09 8.83 -12.23
C ARG B 263 31.23 7.88 -12.20
N GLN B 264 32.46 8.39 -12.25
CA GLN B 264 33.61 7.51 -12.33
C GLN B 264 34.01 7.01 -10.94
N GLU B 265 33.80 7.83 -9.93
CA GLU B 265 33.97 7.38 -8.56
C GLU B 265 32.97 6.24 -8.29
N LEU B 266 31.81 6.34 -8.93
CA LEU B 266 30.78 5.31 -8.82
C LEU B 266 31.15 4.04 -9.56
N ASN B 267 31.80 4.20 -10.71
CA ASN B 267 32.15 3.06 -11.52
C ASN B 267 33.18 2.18 -10.83
N LYS B 268 34.06 2.80 -10.04
CA LYS B 268 35.03 2.04 -9.25
C LYS B 268 34.27 1.02 -8.39
N ILE B 269 33.09 1.43 -7.95
CA ILE B 269 32.27 0.62 -7.07
C ILE B 269 31.49 -0.38 -7.90
N TYR B 270 30.90 0.07 -8.99
CA TYR B 270 30.13 -0.84 -9.81
C TYR B 270 31.02 -1.91 -10.45
N ASP B 271 32.30 -1.55 -10.63
CA ASP B 271 33.29 -2.46 -11.20
C ASP B 271 33.60 -3.61 -10.26
N ALA B 272 33.92 -3.27 -9.01
CA ALA B 272 34.27 -4.24 -7.98
C ALA B 272 33.15 -5.21 -7.67
N LEU B 273 31.93 -4.69 -7.67
CA LEU B 273 30.81 -5.53 -7.31
C LEU B 273 30.32 -6.22 -8.56
N ASP B 274 30.96 -5.92 -9.69
CA ASP B 274 30.67 -6.61 -10.94
C ASP B 274 29.20 -6.42 -11.33
N VAL B 275 28.80 -5.16 -11.48
CA VAL B 275 27.38 -4.88 -11.66
C VAL B 275 27.14 -4.09 -12.93
N SER B 276 26.20 -4.57 -13.75
CA SER B 276 25.91 -3.89 -15.01
C SER B 276 24.62 -3.13 -14.92
N LEU B 277 24.67 -1.87 -15.37
CA LEU B 277 23.58 -0.93 -15.16
C LEU B 277 23.60 0.17 -16.18
N ILE B 278 22.48 0.35 -16.85
CA ILE B 278 22.23 1.56 -17.64
C ILE B 278 21.82 2.73 -16.76
N GLU B 279 22.59 3.82 -16.83
CA GLU B 279 22.23 5.04 -16.10
C GLU B 279 21.05 5.72 -16.78
N ARG B 280 20.04 6.06 -15.97
CA ARG B 280 18.84 6.78 -16.41
C ARG B 280 18.23 7.52 -15.24
N GLY B 281 18.89 8.61 -14.85
CA GLY B 281 18.52 9.37 -13.67
C GLY B 281 17.22 10.16 -13.79
N GLU B 282 16.85 10.86 -12.72
CA GLU B 282 15.61 11.63 -12.72
C GLU B 282 15.59 12.67 -13.86
N SER B 283 16.77 13.19 -14.17
CA SER B 283 16.94 14.24 -15.19
C SER B 283 16.55 13.76 -16.57
N PHE B 284 16.58 12.46 -16.77
CA PHE B 284 16.22 11.87 -18.05
C PHE B 284 14.77 12.17 -18.40
N TYR B 285 13.98 12.56 -17.40
CA TYR B 285 12.53 12.72 -17.57
C TYR B 285 12.07 14.17 -17.53
N GLN B 286 13.01 15.11 -17.67
CA GLN B 286 12.72 16.53 -17.50
C GLN B 286 11.49 16.99 -18.29
N ASP B 287 11.36 16.54 -19.54
CA ASP B 287 10.28 17.04 -20.39
C ASP B 287 9.00 16.27 -20.15
N ARG B 288 9.14 14.98 -19.89
CA ARG B 288 8.00 14.12 -19.65
C ARG B 288 7.23 14.58 -18.41
N MET B 289 7.93 15.24 -17.50
CA MET B 289 7.33 15.64 -16.27
C MET B 289 6.29 16.71 -16.56
N ASN B 290 6.57 17.61 -17.50
CA ASN B 290 5.56 18.60 -17.94
C ASN B 290 4.26 17.93 -18.34
N ASP B 291 4.41 16.91 -19.17
CA ASP B 291 3.28 16.19 -19.72
C ASP B 291 2.51 15.44 -18.65
N ILE B 292 3.25 14.90 -17.69
CA ILE B 292 2.64 14.19 -16.58
C ILE B 292 1.76 15.16 -15.82
N VAL B 293 2.30 16.35 -15.56
CA VAL B 293 1.54 17.38 -14.86
C VAL B 293 0.30 17.76 -15.64
N LYS B 294 0.45 17.92 -16.94
CA LYS B 294 -0.70 18.29 -17.75
C LYS B 294 -1.67 17.11 -17.82
N GLU B 295 -1.14 15.89 -17.91
CA GLU B 295 -2.02 14.71 -18.02
C GLU B 295 -2.80 14.45 -16.73
N PHE B 296 -2.27 14.86 -15.60
CA PHE B 296 -3.03 14.66 -14.37
C PHE B 296 -4.03 15.82 -14.21
N GLU B 297 -3.64 17.00 -14.65
CA GLU B 297 -4.52 18.17 -14.64
C GLU B 297 -5.72 17.94 -15.51
N ASP B 298 -5.44 17.52 -16.73
CA ASP B 298 -6.47 17.39 -17.74
C ASP B 298 -7.43 16.24 -17.43
N ARG B 299 -7.09 15.36 -16.51
CA ARG B 299 -8.08 14.35 -16.11
C ARG B 299 -8.72 14.74 -14.77
N GLY B 300 -8.36 15.93 -14.27
CA GLY B 300 -9.02 16.49 -13.12
C GLY B 300 -8.64 15.84 -11.82
N PHE B 301 -7.45 15.25 -11.78
CA PHE B 301 -6.97 14.60 -10.55
C PHE B 301 -6.16 15.56 -9.69
N VAL B 302 -5.93 16.78 -10.17
CA VAL B 302 -5.04 17.70 -9.45
C VAL B 302 -5.77 18.72 -8.61
N GLN B 303 -5.19 19.05 -7.47
CA GLN B 303 -5.73 20.01 -6.55
C GLN B 303 -4.66 21.05 -6.23
N VAL B 304 -5.08 22.29 -6.00
CA VAL B 304 -4.12 23.35 -5.71
C VAL B 304 -4.15 23.73 -4.23
N ASP B 305 -3.03 23.53 -3.56
CA ASP B 305 -2.91 23.76 -2.11
C ASP B 305 -1.63 24.52 -1.83
N ASP B 306 -1.78 25.79 -1.42
CA ASP B 306 -0.64 26.64 -1.07
C ASP B 306 0.28 26.84 -2.27
N GLY B 307 -0.31 26.81 -3.47
CA GLY B 307 0.45 26.99 -4.70
C GLY B 307 1.08 25.73 -5.28
N ARG B 308 0.98 24.61 -4.53
CA ARG B 308 1.47 23.30 -4.98
C ARG B 308 0.38 22.54 -5.72
N LYS B 309 0.70 21.91 -6.83
CA LYS B 309 -0.28 21.06 -7.49
C LYS B 309 -0.13 19.67 -6.95
N ILE B 310 -1.11 19.25 -6.15
CA ILE B 310 -1.02 17.95 -5.47
C ILE B 310 -1.99 16.94 -6.05
N VAL B 311 -1.78 15.66 -5.74
CA VAL B 311 -2.68 14.61 -6.20
C VAL B 311 -3.06 13.67 -5.07
N PHE B 312 -4.37 13.59 -4.82
CA PHE B 312 -4.92 12.68 -3.82
C PHE B 312 -5.33 11.40 -4.49
N VAL B 313 -4.98 10.28 -3.88
CA VAL B 313 -5.35 9.01 -4.48
C VAL B 313 -6.27 8.23 -3.53
N PRO B 314 -7.50 7.96 -4.00
CA PRO B 314 -8.52 7.39 -3.12
C PRO B 314 -8.06 6.05 -2.52
N GLY B 315 -7.60 6.09 -1.28
CA GLY B 315 -7.15 4.88 -0.63
C GLY B 315 -5.83 5.06 0.04
N CYS B 316 -5.07 6.06 -0.41
CA CYS B 316 -3.70 6.29 0.11
C CYS B 316 -3.62 7.29 1.26
N SER B 317 -2.67 7.07 2.15
CA SER B 317 -2.56 7.86 3.38
C SER B 317 -1.91 9.24 3.19
N ILE B 318 -1.36 9.46 2.01
CA ILE B 318 -0.61 10.69 1.77
C ILE B 318 -0.87 11.09 0.33
N PRO B 319 -0.66 12.38 0.03
CA PRO B 319 -0.81 12.87 -1.34
C PRO B 319 0.54 13.00 -2.08
N LEU B 320 0.51 12.85 -3.39
CA LEU B 320 1.71 13.13 -4.17
C LEU B 320 1.83 14.63 -4.45
N THR B 321 2.98 15.23 -4.13
CA THR B 321 3.22 16.58 -4.63
C THR B 321 3.87 16.50 -5.98
N ILE B 322 3.25 17.03 -7.01
CA ILE B 322 3.84 16.89 -8.34
C ILE B 322 4.34 18.22 -8.91
N VAL B 323 3.89 19.35 -8.35
CA VAL B 323 4.54 20.66 -8.59
C VAL B 323 4.58 21.45 -7.29
N LYS B 324 5.75 21.95 -6.92
CA LYS B 324 5.90 22.73 -5.68
C LYS B 324 5.33 24.14 -5.87
N SER B 325 5.36 24.97 -4.81
CA SER B 325 4.85 26.33 -4.96
C SER B 325 5.74 27.17 -5.90
N ASP B 326 6.95 26.69 -6.17
CA ASP B 326 7.93 27.47 -6.91
C ASP B 326 8.17 26.92 -8.32
N GLY B 327 7.30 26.03 -8.78
CA GLY B 327 7.40 25.52 -10.13
C GLY B 327 8.28 24.28 -10.31
N GLY B 328 8.93 23.89 -9.22
CA GLY B 328 9.85 22.78 -9.25
C GLY B 328 9.17 21.43 -9.16
N TYR B 329 9.61 20.50 -10.02
CA TYR B 329 9.10 19.14 -9.98
C TYR B 329 9.70 18.41 -8.78
N THR B 330 9.23 17.19 -8.52
CA THR B 330 9.68 16.47 -7.33
C THR B 330 9.97 15.01 -7.64
N TYR B 331 10.36 14.29 -6.60
CA TYR B 331 10.57 12.85 -6.65
C TYR B 331 9.29 12.15 -7.17
N ASP B 332 8.12 12.61 -6.68
CA ASP B 332 6.87 12.03 -7.09
C ASP B 332 6.62 12.33 -8.57
N THR B 333 7.05 13.52 -9.01
CA THR B 333 6.89 13.87 -10.42
C THR B 333 7.69 12.92 -11.31
N SER B 334 8.97 12.77 -10.99
CA SER B 334 9.85 11.91 -11.77
C SER B 334 9.32 10.47 -11.78
N ASP B 335 8.95 9.92 -10.61
CA ASP B 335 8.57 8.50 -10.57
C ASP B 335 7.25 8.23 -11.30
N LEU B 336 6.44 9.29 -11.42
CA LEU B 336 5.26 9.24 -12.25
C LEU B 336 5.65 9.18 -13.73
N ALA B 337 6.54 10.08 -14.15
CA ALA B 337 7.03 10.06 -15.52
C ALA B 337 7.63 8.70 -15.81
N ALA B 338 8.44 8.24 -14.86
CA ALA B 338 9.22 7.02 -14.98
C ALA B 338 8.36 5.76 -15.15
N ILE B 339 7.30 5.62 -14.36
CA ILE B 339 6.52 4.40 -14.49
C ILE B 339 5.68 4.46 -15.75
N LYS B 340 5.30 5.66 -16.17
CA LYS B 340 4.51 5.80 -17.39
C LYS B 340 5.39 5.44 -18.58
N GLN B 341 6.66 5.83 -18.52
CA GLN B 341 7.56 5.62 -19.66
C GLN B 341 7.91 4.16 -19.83
N ARG B 342 8.19 3.49 -18.71
CA ARG B 342 8.56 2.07 -18.69
C ARG B 342 7.41 1.19 -19.15
N LEU B 343 6.19 1.68 -18.97
CA LEU B 343 5.00 0.92 -19.31
C LEU B 343 4.69 1.11 -20.79
N PHE B 344 4.97 2.30 -21.28
CA PHE B 344 4.54 2.66 -22.62
C PHE B 344 5.64 2.56 -23.68
N GLU B 345 6.81 3.13 -23.38
CA GLU B 345 7.93 3.14 -24.31
C GLU B 345 8.76 1.84 -24.25
N GLU B 346 9.05 1.39 -23.04
CA GLU B 346 9.81 0.16 -22.87
C GLU B 346 8.92 -1.07 -23.01
N LYS B 347 7.61 -0.85 -22.97
CA LYS B 347 6.63 -1.91 -23.13
C LYS B 347 6.85 -3.06 -22.14
N ALA B 348 6.97 -2.73 -20.86
CA ALA B 348 7.29 -3.71 -19.83
C ALA B 348 6.18 -4.70 -19.61
N ASP B 349 6.57 -5.93 -19.30
CA ASP B 349 5.62 -6.92 -18.85
C ASP B 349 5.79 -6.99 -17.34
N MET B 350 6.86 -6.35 -16.86
CA MET B 350 7.12 -6.32 -15.42
C MET B 350 8.07 -5.19 -15.02
N ILE B 351 7.77 -4.51 -13.92
CA ILE B 351 8.69 -3.50 -13.41
C ILE B 351 9.00 -3.76 -11.96
N ILE B 352 10.29 -3.75 -11.59
CA ILE B 352 10.73 -4.03 -10.23
C ILE B 352 11.49 -2.86 -9.67
N TYR B 353 11.08 -2.41 -8.49
CA TYR B 353 11.76 -1.32 -7.77
C TYR B 353 12.47 -1.90 -6.56
N VAL B 354 13.79 -1.73 -6.51
CA VAL B 354 14.59 -2.23 -5.39
C VAL B 354 15.01 -1.06 -4.54
N VAL B 355 14.13 -0.62 -3.64
CA VAL B 355 14.38 0.59 -2.85
C VAL B 355 14.06 0.36 -1.39
N ASP B 356 14.78 1.04 -0.49
CA ASP B 356 14.66 0.74 0.95
C ASP B 356 13.20 0.78 1.41
N ASN B 357 12.91 0.04 2.48
CA ASN B 357 11.54 -0.09 2.92
C ASN B 357 10.96 1.24 3.40
N GLY B 358 11.85 2.19 3.70
CA GLY B 358 11.42 3.51 4.12
C GLY B 358 10.43 4.15 3.15
N GLN B 359 10.49 3.72 1.89
CA GLN B 359 9.71 4.34 0.84
C GLN B 359 8.61 3.42 0.38
N SER B 360 8.21 2.45 1.21
CA SER B 360 7.11 1.51 0.85
C SER B 360 5.90 2.32 0.53
N VAL B 361 5.65 3.25 1.44
CA VAL B 361 4.52 4.16 1.36
C VAL B 361 4.57 4.98 0.09
N HIS B 362 5.75 5.54 -0.19
CA HIS B 362 5.90 6.31 -1.41
C HIS B 362 5.44 5.50 -2.63
N PHE B 363 5.93 4.28 -2.76
CA PHE B 363 5.67 3.51 -3.95
C PHE B 363 4.23 3.02 -4.04
N GLN B 364 3.59 2.71 -2.90
CA GLN B 364 2.22 2.21 -2.96
C GLN B 364 1.37 3.31 -3.58
N THR B 365 1.68 4.56 -3.27
CA THR B 365 0.87 5.66 -3.81
C THR B 365 1.07 5.88 -5.31
N ILE B 366 2.33 5.89 -5.73
CA ILE B 366 2.71 6.05 -7.14
C ILE B 366 2.04 4.97 -8.01
N PHE B 367 2.07 3.73 -7.53
CA PHE B 367 1.50 2.59 -8.25
C PHE B 367 0.00 2.75 -8.35
N ALA B 368 -0.58 3.25 -7.25
CA ALA B 368 -2.00 3.48 -7.14
C ALA B 368 -2.43 4.55 -8.11
N ALA B 369 -1.73 5.68 -8.02
CA ALA B 369 -1.93 6.78 -8.92
C ALA B 369 -1.90 6.28 -10.36
N ALA B 370 -0.99 5.37 -10.65
CA ALA B 370 -0.81 4.86 -12.00
C ALA B 370 -2.00 4.05 -12.48
N GLN B 371 -2.63 3.29 -11.58
CA GLN B 371 -3.82 2.55 -11.97
C GLN B 371 -4.94 3.55 -12.16
N MET B 372 -5.08 4.44 -11.17
CA MET B 372 -6.13 5.47 -11.16
C MET B 372 -6.26 6.21 -12.50
N ILE B 373 -5.12 6.51 -13.13
CA ILE B 373 -5.13 7.27 -14.40
C ILE B 373 -5.07 6.32 -15.62
N GLY B 374 -5.00 5.01 -15.37
CA GLY B 374 -5.20 4.06 -16.44
C GLY B 374 -3.95 3.57 -17.16
N TRP B 375 -2.78 3.83 -16.58
CA TRP B 375 -1.53 3.46 -17.23
C TRP B 375 -1.35 1.94 -17.24
N TYR B 376 -1.92 1.23 -16.27
CA TYR B 376 -1.77 -0.22 -16.28
C TYR B 376 -2.78 -0.98 -15.40
N ASP B 377 -2.94 -2.24 -15.78
CA ASP B 377 -3.80 -3.20 -15.13
C ASP B 377 -2.95 -4.18 -14.34
N PRO B 378 -2.92 -4.02 -13.02
CA PRO B 378 -2.05 -4.81 -12.13
C PRO B 378 -2.27 -6.33 -12.24
N LYS B 379 -3.36 -6.76 -12.88
CA LYS B 379 -3.61 -8.16 -13.22
C LYS B 379 -2.78 -8.58 -14.43
N VAL B 380 -2.35 -7.60 -15.23
CA VAL B 380 -1.71 -7.83 -16.53
C VAL B 380 -0.24 -7.45 -16.52
N THR B 381 0.04 -6.32 -15.89
CA THR B 381 1.41 -5.88 -15.79
C THR B 381 1.86 -5.97 -14.33
N ARG B 382 2.92 -6.73 -14.09
CA ARG B 382 3.43 -6.88 -12.74
C ARG B 382 4.28 -5.71 -12.35
N VAL B 383 3.79 -4.91 -11.42
CA VAL B 383 4.65 -3.87 -10.87
C VAL B 383 4.88 -4.19 -9.41
N PHE B 384 6.13 -4.07 -8.98
CA PHE B 384 6.57 -4.74 -7.77
C PHE B 384 7.62 -3.90 -7.07
N HIS B 385 7.36 -3.54 -5.81
CA HIS B 385 8.39 -2.92 -4.97
C HIS B 385 9.07 -4.00 -4.16
N ALA B 386 10.32 -4.31 -4.47
CA ALA B 386 11.09 -5.24 -3.64
C ALA B 386 11.86 -4.41 -2.63
N GLY B 387 11.26 -4.27 -1.45
CA GLY B 387 11.79 -3.39 -0.43
C GLY B 387 12.78 -4.12 0.46
N PHE B 388 13.62 -3.38 1.17
CA PHE B 388 14.58 -3.98 2.09
C PHE B 388 14.87 -3.17 3.35
N GLY B 389 15.22 -3.88 4.42
CA GLY B 389 15.50 -3.25 5.69
C GLY B 389 16.76 -2.39 5.75
N VAL B 390 16.97 -1.78 6.91
CA VAL B 390 18.11 -0.90 7.13
C VAL B 390 19.33 -1.70 7.56
N VAL B 391 20.51 -1.11 7.42
CA VAL B 391 21.74 -1.82 7.80
C VAL B 391 22.23 -1.36 9.20
N LEU B 392 22.64 -2.31 10.03
CA LEU B 392 23.00 -1.97 11.40
C LEU B 392 24.42 -2.37 11.77
N GLY B 393 24.89 -1.88 12.91
CA GLY B 393 26.11 -2.39 13.53
C GLY B 393 25.74 -3.48 14.51
N GLU B 394 26.72 -4.10 15.16
CA GLU B 394 26.41 -5.19 16.10
C GLU B 394 25.63 -4.68 17.33
N ASP B 395 25.80 -3.38 17.60
CA ASP B 395 25.05 -2.70 18.65
C ASP B 395 23.58 -2.47 18.27
N LYS B 396 23.17 -3.03 17.14
CA LYS B 396 21.79 -3.01 16.65
C LYS B 396 21.25 -1.60 16.34
N LYS B 397 22.13 -0.62 16.08
CA LYS B 397 21.65 0.68 15.57
C LYS B 397 22.29 1.00 14.22
N LYS B 398 21.94 2.17 13.66
CA LYS B 398 22.37 2.60 12.32
C LYS B 398 23.83 2.30 12.03
N PHE B 399 24.18 2.14 10.76
CA PHE B 399 25.53 1.75 10.39
C PHE B 399 26.32 2.95 9.86
N LYS B 400 27.11 3.54 10.75
CA LYS B 400 27.92 4.72 10.46
C LYS B 400 29.28 4.50 11.10
N THR B 401 30.13 5.52 11.07
CA THR B 401 31.35 5.50 11.90
C THR B 401 31.80 6.93 12.23
N ARG B 402 31.68 7.25 13.53
CA ARG B 402 32.30 8.39 14.20
C ARG B 402 32.49 9.67 13.38
N GLU B 405 28.82 9.32 11.06
CA GLU B 405 29.14 9.81 9.72
C GLU B 405 29.06 8.71 8.65
N THR B 406 28.62 9.08 7.44
CA THR B 406 28.39 8.11 6.34
C THR B 406 29.64 7.31 5.98
N VAL B 407 29.49 5.99 5.89
CA VAL B 407 30.64 5.12 5.59
C VAL B 407 30.79 4.88 4.10
N ARG B 408 31.95 5.23 3.58
CA ARG B 408 32.21 5.10 2.16
C ARG B 408 32.28 3.63 1.74
N LEU B 409 31.57 3.33 0.67
CA LEU B 409 31.48 1.96 0.20
C LEU B 409 32.87 1.48 -0.21
N MET B 410 33.68 2.34 -0.82
CA MET B 410 35.00 1.89 -1.26
C MET B 410 35.87 1.48 -0.07
N ASP B 411 35.74 2.20 1.04
CA ASP B 411 36.48 1.87 2.25
C ASP B 411 36.02 0.52 2.79
N LEU B 412 34.71 0.31 2.77
CA LEU B 412 34.13 -0.97 3.18
C LEU B 412 34.74 -2.13 2.42
N LEU B 413 34.74 -2.02 1.09
CA LEU B 413 35.21 -3.08 0.23
C LEU B 413 36.70 -3.29 0.43
N GLY B 414 37.43 -2.20 0.58
CA GLY B 414 38.83 -2.32 0.92
C GLY B 414 39.01 -3.07 2.25
N GLU B 415 38.19 -2.76 3.25
CA GLU B 415 38.35 -3.45 4.52
C GLU B 415 37.96 -4.94 4.39
N GLY B 416 37.22 -5.27 3.36
CA GLY B 416 36.89 -6.66 3.12
C GLY B 416 38.03 -7.40 2.47
N LEU B 417 38.60 -6.78 1.43
CA LEU B 417 39.72 -7.38 0.69
C LEU B 417 40.84 -7.68 1.67
N LYS B 418 41.13 -6.69 2.52
CA LYS B 418 42.16 -6.84 3.55
C LYS B 418 41.92 -8.05 4.43
N ARG B 419 40.75 -8.08 5.05
CA ARG B 419 40.39 -9.18 5.94
C ARG B 419 40.44 -10.53 5.25
N SER B 420 40.03 -10.53 3.98
CA SER B 420 40.03 -11.74 3.14
C SER B 420 41.46 -12.20 2.94
N MET B 421 42.32 -11.23 2.65
CA MET B 421 43.72 -11.55 2.44
C MET B 421 44.31 -12.17 3.71
N ASP B 422 44.15 -11.49 4.84
CA ASP B 422 44.61 -11.98 6.13
C ASP B 422 44.23 -13.42 6.35
N LYS B 423 42.99 -13.77 6.00
CA LYS B 423 42.56 -15.15 6.10
C LYS B 423 43.46 -16.06 5.28
N LEU B 424 43.77 -15.60 4.08
CA LEU B 424 44.52 -16.41 3.16
C LEU B 424 45.96 -16.64 3.61
N LYS B 425 46.48 -15.75 4.45
CA LYS B 425 47.88 -15.84 4.91
C LYS B 425 48.15 -17.05 5.82
N GLU B 426 47.09 -17.77 6.17
CA GLU B 426 47.21 -19.01 6.94
C GLU B 426 46.77 -20.25 6.13
N LYS B 427 47.68 -20.83 5.35
CA LYS B 427 48.99 -20.25 5.06
C LYS B 427 49.13 -20.28 3.54
N GLU B 428 47.98 -20.26 2.86
CA GLU B 428 47.90 -20.63 1.44
C GLU B 428 48.65 -19.73 0.46
N ARG B 429 49.32 -18.69 0.94
CA ARG B 429 50.15 -17.89 0.07
C ARG B 429 51.37 -18.67 -0.45
N ASP B 430 51.59 -19.87 0.10
CA ASP B 430 52.73 -20.70 -0.28
C ASP B 430 52.31 -21.75 -1.29
N LYS B 431 51.03 -22.09 -1.30
CA LYS B 431 50.54 -22.99 -2.32
C LYS B 431 50.06 -22.25 -3.57
N VAL B 432 48.96 -21.51 -3.46
CA VAL B 432 48.43 -20.84 -4.64
C VAL B 432 49.38 -19.74 -5.11
N LEU B 433 49.45 -19.57 -6.42
CA LEU B 433 50.34 -18.60 -7.01
C LEU B 433 49.75 -17.22 -6.83
N THR B 434 50.22 -16.26 -7.62
CA THR B 434 49.73 -14.89 -7.51
C THR B 434 48.26 -14.83 -7.94
N ALA B 435 48.00 -15.12 -9.22
CA ALA B 435 46.67 -14.99 -9.77
C ALA B 435 45.63 -15.79 -8.98
N GLU B 436 45.93 -17.06 -8.69
CA GLU B 436 45.01 -17.97 -8.04
C GLU B 436 44.58 -17.45 -6.68
N GLU B 437 45.27 -16.41 -6.23
CA GLU B 437 45.15 -15.97 -4.87
C GLU B 437 45.04 -14.45 -4.77
N LEU B 438 46.08 -13.75 -5.21
CA LEU B 438 46.17 -12.28 -5.16
C LEU B 438 44.96 -11.69 -5.84
N ASN B 439 44.34 -12.47 -6.70
CA ASN B 439 42.99 -12.14 -7.09
C ASN B 439 42.15 -13.30 -6.61
N ALA B 440 41.99 -14.31 -7.47
CA ALA B 440 40.99 -15.35 -7.32
C ALA B 440 40.45 -15.54 -5.91
N ALA B 441 41.21 -16.13 -5.00
CA ALA B 441 40.68 -16.38 -3.67
C ALA B 441 40.35 -15.11 -2.88
N GLN B 442 41.24 -14.13 -2.89
CA GLN B 442 41.00 -12.93 -2.08
C GLN B 442 39.69 -12.21 -2.41
N THR B 443 39.59 -11.74 -3.65
CA THR B 443 38.43 -10.99 -4.11
C THR B 443 37.14 -11.81 -4.05
N SER B 444 37.24 -13.03 -4.53
CA SER B 444 36.08 -13.92 -4.60
C SER B 444 35.51 -14.16 -3.24
N VAL B 445 36.36 -14.09 -2.23
CA VAL B 445 35.89 -14.30 -0.86
C VAL B 445 35.39 -12.98 -0.30
N ALA B 446 36.16 -11.92 -0.47
CA ALA B 446 35.77 -10.62 0.05
C ALA B 446 34.42 -10.20 -0.50
N TYR B 447 34.37 -9.87 -1.79
CA TYR B 447 33.14 -9.44 -2.45
C TYR B 447 32.03 -10.46 -2.31
N GLY B 448 32.42 -11.73 -2.25
CA GLY B 448 31.46 -12.81 -2.20
C GLY B 448 30.78 -12.94 -0.84
N CYS B 449 31.49 -12.58 0.24
CA CYS B 449 30.87 -12.64 1.57
C CYS B 449 29.95 -11.45 1.70
N ILE B 450 30.43 -10.31 1.24
CA ILE B 450 29.63 -9.09 1.28
C ILE B 450 28.31 -9.25 0.54
N LYS B 451 28.32 -9.93 -0.60
CA LYS B 451 27.05 -10.19 -1.22
C LYS B 451 26.30 -11.27 -0.43
N TYR B 452 26.98 -12.36 -0.07
CA TYR B 452 26.25 -13.49 0.50
C TYR B 452 25.60 -13.21 1.86
N ALA B 453 26.28 -12.41 2.70
CA ALA B 453 25.79 -12.13 4.04
C ALA B 453 24.43 -11.43 3.98
N ASP B 454 24.30 -10.54 2.99
CA ASP B 454 23.05 -9.87 2.68
C ASP B 454 21.97 -10.82 2.16
N LEU B 455 22.19 -11.34 0.95
CA LEU B 455 21.20 -12.12 0.25
C LEU B 455 20.76 -13.38 1.01
N SER B 456 21.56 -13.83 1.97
CA SER B 456 21.26 -15.09 2.67
C SER B 456 20.21 -14.86 3.73
N ARG B 457 19.90 -13.59 3.94
CA ARG B 457 18.91 -13.17 4.92
C ARG B 457 17.76 -12.47 4.20
N ASN B 458 16.52 -12.78 4.62
CA ASN B 458 15.30 -12.15 4.10
C ASN B 458 15.51 -10.66 3.95
N ARG B 459 15.31 -10.13 2.73
CA ARG B 459 15.64 -8.74 2.46
C ARG B 459 14.85 -7.73 3.32
N LEU B 460 13.64 -8.09 3.73
CA LEU B 460 12.80 -7.19 4.53
C LEU B 460 13.43 -6.92 5.89
N ASN B 461 13.87 -7.99 6.58
CA ASN B 461 14.48 -7.83 7.91
C ASN B 461 15.66 -6.90 7.84
N ASP B 462 15.99 -6.30 8.98
CA ASP B 462 17.14 -5.42 9.03
C ASP B 462 18.39 -6.25 8.89
N TYR B 463 19.46 -5.63 8.40
CA TYR B 463 20.68 -6.39 8.10
C TYR B 463 21.75 -5.96 9.08
N ILE B 464 22.34 -6.96 9.74
CA ILE B 464 23.44 -6.70 10.64
C ILE B 464 24.73 -7.02 9.90
N PHE B 465 25.41 -5.97 9.47
CA PHE B 465 26.66 -6.08 8.74
C PHE B 465 27.80 -6.35 9.71
N SER B 466 28.32 -7.57 9.66
CA SER B 466 29.44 -7.95 10.50
C SER B 466 30.55 -8.61 9.68
N PHE B 467 31.70 -7.94 9.55
CA PHE B 467 32.85 -8.55 8.86
C PHE B 467 33.22 -9.89 9.49
N ASP B 468 33.40 -9.90 10.82
CA ASP B 468 33.76 -11.10 11.56
C ASP B 468 32.81 -12.24 11.27
N LYS B 469 31.51 -11.94 11.23
CA LYS B 469 30.49 -12.99 11.16
C LYS B 469 30.41 -13.54 9.76
N MET B 470 30.54 -12.65 8.77
CA MET B 470 30.30 -13.05 7.39
C MET B 470 31.52 -13.72 6.78
N LEU B 471 32.68 -13.55 7.42
CA LEU B 471 33.93 -14.12 6.91
C LEU B 471 34.28 -15.46 7.57
N ASP B 472 33.50 -15.82 8.58
CA ASP B 472 33.67 -17.09 9.31
C ASP B 472 33.84 -18.30 8.36
N ASP B 473 34.78 -19.17 8.69
CA ASP B 473 35.10 -20.28 7.80
C ASP B 473 34.07 -21.40 7.91
N ARG B 474 33.17 -21.28 8.88
CA ARG B 474 32.15 -22.33 9.06
C ARG B 474 30.73 -21.78 9.08
N GLY B 475 29.81 -22.62 8.63
CA GLY B 475 28.39 -22.29 8.66
C GLY B 475 27.82 -21.94 7.29
N ASN B 476 26.94 -20.94 7.27
CA ASN B 476 26.24 -20.50 6.07
C ASN B 476 26.82 -19.17 5.63
N THR B 477 28.09 -19.18 5.27
CA THR B 477 28.76 -17.99 4.77
C THR B 477 29.25 -18.26 3.37
N ALA B 478 29.71 -17.22 2.68
CA ALA B 478 30.31 -17.43 1.38
C ALA B 478 31.61 -18.20 1.55
N ALA B 479 32.40 -17.76 2.54
CA ALA B 479 33.64 -18.42 2.91
C ALA B 479 33.49 -19.92 2.94
N TYR B 480 32.55 -20.43 3.71
CA TYR B 480 32.38 -21.88 3.74
C TYR B 480 32.00 -22.40 2.35
N LEU B 481 31.02 -21.80 1.71
CA LEU B 481 30.52 -22.34 0.44
C LEU B 481 31.52 -22.26 -0.76
N LEU B 482 32.41 -21.26 -0.75
CA LEU B 482 33.40 -21.10 -1.82
C LEU B 482 34.51 -22.14 -1.68
N TYR B 483 34.81 -22.45 -0.42
CA TYR B 483 35.72 -23.54 -0.06
C TYR B 483 35.10 -24.88 -0.45
N ALA B 484 33.86 -25.07 -0.02
CA ALA B 484 33.10 -26.26 -0.34
C ALA B 484 33.12 -26.52 -1.85
N PHE B 485 32.95 -25.45 -2.64
CA PHE B 485 32.94 -25.61 -4.09
C PHE B 485 34.23 -26.21 -4.62
N THR B 486 35.36 -25.72 -4.12
CA THR B 486 36.67 -26.15 -4.60
C THR B 486 36.88 -27.61 -4.29
N ARG B 487 36.38 -28.05 -3.13
CA ARG B 487 36.61 -29.42 -2.71
C ARG B 487 35.89 -30.34 -3.66
N ILE B 488 34.70 -29.92 -4.11
CA ILE B 488 33.94 -30.73 -5.05
C ILE B 488 34.63 -30.80 -6.40
N ARG B 489 35.36 -29.74 -6.75
CA ARG B 489 36.06 -29.69 -8.03
C ARG B 489 37.36 -30.47 -7.97
N SER B 490 37.98 -30.43 -6.80
CA SER B 490 39.26 -31.10 -6.57
C SER B 490 39.12 -32.60 -6.75
N ILE B 491 37.96 -33.15 -6.38
CA ILE B 491 37.73 -34.59 -6.44
C ILE B 491 38.08 -35.24 -7.80
N ALA B 492 37.52 -34.73 -8.90
CA ALA B 492 37.83 -35.31 -10.22
C ALA B 492 39.18 -34.80 -10.72
N ARG B 493 39.62 -33.68 -10.14
CA ARG B 493 40.92 -33.12 -10.48
C ARG B 493 42.07 -34.00 -9.95
N LEU B 494 41.97 -34.39 -8.68
CA LEU B 494 43.01 -35.19 -8.05
C LEU B 494 43.06 -36.61 -8.63
N ALA B 495 41.91 -37.16 -9.01
CA ALA B 495 41.88 -38.49 -9.60
C ALA B 495 42.14 -38.42 -11.10
N ASN B 496 42.75 -37.31 -11.53
CA ASN B 496 43.13 -37.04 -12.92
C ASN B 496 42.08 -37.42 -13.95
N ILE B 497 40.94 -36.73 -13.88
CA ILE B 497 39.88 -36.90 -14.85
C ILE B 497 39.51 -35.50 -15.36
N ASP B 498 40.12 -35.15 -16.49
CA ASP B 498 39.97 -33.84 -17.10
C ASP B 498 38.59 -33.67 -17.71
N GLU B 499 38.30 -32.45 -18.16
CA GLU B 499 37.01 -32.12 -18.75
C GLU B 499 36.69 -33.01 -19.94
N GLU B 500 37.69 -33.27 -20.78
CA GLU B 500 37.51 -34.16 -21.92
C GLU B 500 36.92 -35.49 -21.47
N MET B 501 37.53 -36.06 -20.43
CA MET B 501 37.07 -37.34 -19.90
C MET B 501 35.67 -37.25 -19.30
N LEU B 502 35.47 -36.28 -18.40
CA LEU B 502 34.22 -36.14 -17.66
C LEU B 502 32.99 -36.01 -18.57
N GLN B 503 33.17 -35.31 -19.68
CA GLN B 503 32.07 -35.07 -20.60
C GLN B 503 31.73 -36.35 -21.35
N LYS B 504 32.76 -37.19 -21.53
CA LYS B 504 32.60 -38.49 -22.20
C LYS B 504 31.91 -39.48 -21.27
N ALA B 505 32.29 -39.44 -19.99
CA ALA B 505 31.65 -40.25 -18.99
C ALA B 505 30.16 -39.96 -18.95
N ALA B 506 29.82 -38.66 -18.94
CA ALA B 506 28.44 -38.20 -18.85
C ALA B 506 27.60 -38.71 -20.02
N ARG B 507 28.19 -38.76 -21.20
CA ARG B 507 27.45 -39.20 -22.38
C ARG B 507 27.32 -40.73 -22.48
N GLU B 508 28.04 -41.44 -21.62
CA GLU B 508 28.04 -42.91 -21.70
C GLU B 508 27.70 -43.65 -20.39
N THR B 509 27.64 -42.95 -19.27
CA THR B 509 27.43 -43.60 -17.97
C THR B 509 25.99 -43.45 -17.44
N LYS B 510 25.39 -44.56 -17.02
CA LYS B 510 24.15 -44.48 -16.28
C LYS B 510 24.46 -44.02 -14.87
N ILE B 511 23.72 -43.07 -14.34
CA ILE B 511 24.08 -42.56 -13.02
C ILE B 511 23.30 -43.33 -11.98
N LEU B 512 24.03 -43.81 -10.97
CA LEU B 512 23.48 -44.76 -10.03
C LEU B 512 23.06 -44.09 -8.73
N LEU B 513 21.89 -44.50 -8.23
CA LEU B 513 21.31 -43.91 -7.03
C LEU B 513 20.63 -44.99 -6.18
N ASP B 514 21.34 -46.09 -5.94
CA ASP B 514 20.84 -47.21 -5.14
C ASP B 514 21.07 -46.93 -3.66
N HIS B 515 22.15 -46.20 -3.38
CA HIS B 515 22.52 -45.82 -2.04
C HIS B 515 21.67 -44.67 -1.52
N GLU B 516 21.35 -44.72 -0.24
CA GLU B 516 20.52 -43.71 0.40
C GLU B 516 21.05 -42.29 0.17
N LYS B 517 22.32 -42.05 0.52
CA LYS B 517 22.82 -40.67 0.51
C LYS B 517 23.10 -40.13 -0.87
N GLU B 518 23.17 -41.02 -1.87
CA GLU B 518 23.28 -40.52 -3.25
C GLU B 518 21.87 -40.27 -3.81
N TRP B 519 20.87 -40.72 -3.07
CA TRP B 519 19.48 -40.45 -3.44
C TRP B 519 19.03 -39.11 -2.88
N LYS B 520 19.40 -38.83 -1.63
CA LYS B 520 19.24 -37.50 -1.07
C LYS B 520 19.83 -36.51 -2.06
N LEU B 521 21.16 -36.58 -2.23
CA LEU B 521 21.89 -35.64 -3.09
C LEU B 521 21.37 -35.58 -4.53
N GLY B 522 20.94 -36.71 -5.06
CA GLY B 522 20.46 -36.73 -6.43
C GLY B 522 19.18 -35.94 -6.61
N ARG B 523 18.24 -36.12 -5.68
CA ARG B 523 16.95 -35.47 -5.82
C ARG B 523 17.05 -34.04 -5.36
N CYS B 524 17.97 -33.76 -4.44
CA CYS B 524 18.20 -32.38 -4.04
C CYS B 524 18.67 -31.56 -5.23
N ILE B 525 19.56 -32.14 -6.04
CA ILE B 525 20.07 -31.45 -7.21
C ILE B 525 18.98 -31.02 -8.17
N LEU B 526 17.98 -31.88 -8.38
CA LEU B 526 16.94 -31.57 -9.34
C LEU B 526 15.90 -30.59 -8.82
N ARG B 527 16.09 -30.11 -7.59
CA ARG B 527 15.14 -29.15 -7.04
C ARG B 527 15.51 -27.73 -7.47
N PHE B 528 16.63 -27.57 -8.16
CA PHE B 528 17.07 -26.24 -8.56
C PHE B 528 16.00 -25.46 -9.32
N PRO B 529 15.29 -26.10 -10.28
CA PRO B 529 14.32 -25.22 -10.96
C PRO B 529 13.16 -24.79 -10.06
N GLU B 530 12.65 -25.71 -9.24
CA GLU B 530 11.50 -25.43 -8.39
C GLU B 530 11.84 -24.37 -7.36
N ILE B 531 13.13 -24.22 -7.08
CA ILE B 531 13.59 -23.23 -6.14
C ILE B 531 13.56 -21.85 -6.75
N LEU B 532 14.10 -21.72 -7.96
CA LEU B 532 14.22 -20.41 -8.60
C LEU B 532 12.84 -19.87 -8.94
N GLN B 533 11.93 -20.75 -9.37
CA GLN B 533 10.58 -20.33 -9.75
C GLN B 533 9.88 -19.66 -8.57
N LYS B 534 9.96 -20.29 -7.39
CA LYS B 534 9.48 -19.70 -6.16
C LYS B 534 10.04 -18.27 -6.00
N ILE B 535 11.27 -18.04 -6.43
CA ILE B 535 11.90 -16.74 -6.21
C ILE B 535 11.46 -15.75 -7.26
N LEU B 536 11.02 -16.23 -8.41
CA LEU B 536 10.41 -15.34 -9.40
C LEU B 536 9.05 -14.80 -8.94
N ASP B 537 8.48 -15.40 -7.90
CA ASP B 537 7.13 -15.05 -7.49
C ASP B 537 7.15 -14.07 -6.33
N ASP B 538 8.09 -14.28 -5.41
CA ASP B 538 8.22 -13.42 -4.24
C ASP B 538 9.55 -12.66 -4.13
N LEU B 539 10.47 -12.91 -5.06
CA LEU B 539 11.76 -12.22 -5.07
C LEU B 539 12.51 -12.32 -3.74
N PHE B 540 12.29 -13.40 -3.01
CA PHE B 540 13.01 -13.68 -1.77
C PHE B 540 14.25 -14.56 -2.02
N LEU B 541 15.36 -13.92 -2.39
CA LEU B 541 16.57 -14.62 -2.81
C LEU B 541 17.17 -15.52 -1.74
N HIS B 542 16.94 -15.20 -0.47
CA HIS B 542 17.55 -15.99 0.60
C HIS B 542 17.19 -17.47 0.51
N THR B 543 16.07 -17.78 -0.15
CA THR B 543 15.71 -19.19 -0.26
C THR B 543 16.67 -19.91 -1.23
N LEU B 544 17.39 -19.14 -2.04
CA LEU B 544 18.42 -19.70 -2.93
C LEU B 544 19.69 -19.99 -2.12
N CYS B 545 20.08 -19.04 -1.29
CA CYS B 545 21.19 -19.28 -0.39
C CYS B 545 20.96 -20.50 0.49
N ASP B 546 19.75 -20.59 1.06
CA ASP B 546 19.35 -21.70 1.90
C ASP B 546 19.38 -23.00 1.12
N TYR B 547 19.34 -22.91 -0.20
CA TYR B 547 19.38 -24.09 -1.03
C TYR B 547 20.80 -24.50 -1.31
N ILE B 548 21.64 -23.51 -1.62
CA ILE B 548 23.06 -23.76 -1.84
C ILE B 548 23.69 -24.52 -0.67
N TYR B 549 23.30 -24.14 0.55
CA TYR B 549 23.75 -24.77 1.80
C TYR B 549 23.13 -26.16 1.97
N GLU B 550 21.86 -26.28 1.60
CA GLU B 550 21.16 -27.53 1.79
C GLU B 550 21.77 -28.55 0.83
N LEU B 551 22.18 -28.07 -0.34
CA LEU B 551 22.88 -28.89 -1.34
C LEU B 551 24.29 -29.18 -0.84
N ALA B 552 25.00 -28.14 -0.45
CA ALA B 552 26.35 -28.29 0.07
C ALA B 552 26.41 -29.29 1.22
N THR B 553 25.34 -29.37 1.99
CA THR B 553 25.28 -30.29 3.12
C THR B 553 24.99 -31.72 2.67
N ALA B 554 24.04 -31.89 1.75
CA ALA B 554 23.76 -33.21 1.18
C ALA B 554 25.04 -33.87 0.61
N PHE B 555 25.92 -33.04 0.04
CA PHE B 555 27.14 -33.52 -0.56
C PHE B 555 28.08 -34.08 0.48
N THR B 556 28.34 -33.31 1.53
CA THR B 556 29.21 -33.78 2.58
C THR B 556 28.70 -35.11 3.12
N GLU B 557 27.39 -35.24 3.30
CA GLU B 557 26.84 -36.48 3.83
C GLU B 557 27.01 -37.65 2.84
N PHE B 558 27.22 -37.29 1.58
CA PHE B 558 27.35 -38.25 0.50
C PHE B 558 28.79 -38.68 0.37
N TYR B 559 29.68 -37.70 0.47
CA TYR B 559 31.11 -37.90 0.37
C TYR B 559 31.65 -38.68 1.55
N ASP B 560 31.11 -38.38 2.73
CA ASP B 560 31.54 -39.00 3.98
C ASP B 560 31.10 -40.46 4.12
N SER B 561 30.28 -40.95 3.18
CA SER B 561 29.84 -42.34 3.22
C SER B 561 30.18 -43.06 1.90
N CYS B 562 29.84 -42.48 0.76
CA CYS B 562 30.22 -43.12 -0.51
C CYS B 562 31.69 -42.84 -0.85
N TYR B 563 32.29 -43.79 -1.53
CA TYR B 563 33.67 -43.65 -1.97
C TYR B 563 33.65 -43.19 -3.43
N CYS B 564 34.51 -42.23 -3.76
CA CYS B 564 34.57 -41.73 -5.12
C CYS B 564 35.83 -42.29 -5.76
N VAL B 565 36.84 -42.50 -4.94
CA VAL B 565 38.13 -42.99 -5.41
C VAL B 565 38.66 -44.10 -4.51
N ASP B 568 47.82 -50.07 -2.01
CA ASP B 568 46.71 -49.11 -2.12
C ASP B 568 46.51 -48.31 -0.84
N ARG B 569 46.39 -49.01 0.28
CA ARG B 569 46.46 -48.36 1.58
C ARG B 569 47.94 -48.15 1.90
N GLN B 570 48.78 -48.51 0.93
CA GLN B 570 50.23 -48.35 1.01
C GLN B 570 50.78 -47.46 -0.12
N THR B 571 49.88 -47.00 -1.00
CA THR B 571 50.18 -45.98 -2.02
C THR B 571 48.88 -45.27 -2.48
N GLY B 572 48.40 -45.56 -3.69
CA GLY B 572 47.11 -45.06 -4.16
C GLY B 572 46.86 -45.41 -5.61
N LYS B 573 45.58 -45.56 -5.98
CA LYS B 573 45.17 -45.82 -7.38
C LYS B 573 43.93 -45.01 -7.79
N LEU B 575 42.95 -46.88 -5.11
CA LEU B 575 41.53 -46.88 -4.76
C LEU B 575 40.70 -46.61 -6.03
N LYS B 576 39.89 -47.60 -6.46
CA LYS B 576 39.23 -47.55 -7.80
C LYS B 576 38.39 -46.28 -8.04
N VAL B 577 38.15 -45.90 -9.30
CA VAL B 577 37.29 -44.74 -9.56
C VAL B 577 35.83 -45.10 -9.96
N ASN B 578 34.88 -44.74 -9.11
CA ASN B 578 33.45 -44.88 -9.46
C ASN B 578 32.92 -43.67 -10.21
N MET B 579 32.90 -43.83 -11.53
CA MET B 579 32.70 -42.74 -12.47
C MET B 579 31.36 -41.99 -12.27
N TRP B 580 30.34 -42.70 -11.77
CA TRP B 580 29.02 -42.11 -11.57
C TRP B 580 29.00 -41.16 -10.35
N ARG B 581 29.84 -41.44 -9.35
CA ARG B 581 29.92 -40.52 -8.22
C ARG B 581 30.86 -39.37 -8.59
N MET B 582 31.70 -39.60 -9.61
CA MET B 582 32.49 -38.50 -10.13
C MET B 582 31.57 -37.50 -10.80
N LEU B 583 30.54 -38.02 -11.45
CA LEU B 583 29.59 -37.19 -12.17
C LEU B 583 28.58 -36.48 -11.23
N LEU B 584 28.18 -37.16 -10.15
CA LEU B 584 27.33 -36.54 -9.11
C LEU B 584 28.02 -35.27 -8.61
N CYS B 585 29.30 -35.41 -8.28
CA CYS B 585 30.10 -34.30 -7.81
C CYS B 585 30.11 -33.18 -8.83
N GLU B 586 30.09 -33.53 -10.10
CA GLU B 586 30.16 -32.50 -11.13
C GLU B 586 28.79 -31.84 -11.27
N ALA B 587 27.73 -32.61 -11.03
CA ALA B 587 26.40 -32.03 -10.98
C ALA B 587 26.29 -31.05 -9.81
N VAL B 588 26.56 -31.53 -8.60
CA VAL B 588 26.61 -30.66 -7.43
C VAL B 588 27.38 -29.35 -7.69
N ALA B 589 28.51 -29.46 -8.38
CA ALA B 589 29.35 -28.30 -8.67
C ALA B 589 28.73 -27.40 -9.74
N ALA B 590 28.11 -28.01 -10.74
CA ALA B 590 27.53 -27.26 -11.84
C ALA B 590 26.37 -26.34 -11.38
N VAL B 591 25.55 -26.89 -10.49
CA VAL B 591 24.35 -26.24 -9.98
C VAL B 591 24.70 -25.20 -8.91
N MET B 592 25.63 -25.55 -8.04
CA MET B 592 26.19 -24.54 -7.15
C MET B 592 26.76 -23.41 -7.99
N ALA B 593 27.46 -23.73 -9.05
CA ALA B 593 28.18 -22.70 -9.78
C ALA B 593 27.22 -21.71 -10.38
N LYS B 594 26.11 -22.22 -10.91
CA LYS B 594 25.14 -21.37 -11.56
C LYS B 594 24.39 -20.52 -10.52
N GLY B 595 23.87 -21.18 -9.48
CA GLY B 595 23.27 -20.51 -8.34
C GLY B 595 24.15 -19.40 -7.79
N PHE B 596 25.45 -19.65 -7.74
CA PHE B 596 26.42 -18.65 -7.30
C PHE B 596 26.42 -17.44 -8.21
N ASP B 597 26.33 -17.75 -9.52
CA ASP B 597 26.39 -16.71 -10.54
C ASP B 597 25.13 -15.86 -10.43
N ILE B 598 24.00 -16.50 -10.15
CA ILE B 598 22.79 -15.76 -9.90
C ILE B 598 22.95 -14.77 -8.76
N LEU B 599 23.53 -15.23 -7.65
CA LEU B 599 23.77 -14.34 -6.51
C LEU B 599 24.88 -13.34 -6.78
N GLY B 600 25.67 -13.59 -7.83
CA GLY B 600 26.77 -12.70 -8.13
C GLY B 600 28.04 -13.11 -7.40
N ILE B 601 28.12 -14.38 -7.03
CA ILE B 601 29.35 -14.88 -6.41
C ILE B 601 30.26 -15.48 -7.47
N LYS B 602 31.55 -15.15 -7.40
CA LYS B 602 32.47 -15.55 -8.44
C LYS B 602 33.38 -16.64 -7.93
N PRO B 603 32.98 -17.90 -8.15
CA PRO B 603 33.70 -18.97 -7.48
C PRO B 603 35.10 -19.15 -8.08
N VAL B 604 36.02 -19.64 -7.26
CA VAL B 604 37.36 -20.00 -7.72
C VAL B 604 37.51 -21.51 -7.61
N GLN B 605 38.52 -22.07 -8.26
CA GLN B 605 38.72 -23.51 -8.31
C GLN B 605 39.70 -24.04 -7.29
N ARG B 606 40.76 -23.28 -7.06
CA ARG B 606 41.83 -23.76 -6.23
C ARG B 606 41.73 -23.17 -4.83
N MET B 607 41.74 -21.84 -4.72
CA MET B 607 41.71 -21.18 -3.40
C MET B 607 42.81 -21.69 -2.46
N GGB C . -10.00 -1.58 17.95
CA GGB C . -9.01 -1.11 17.04
CB GGB C . -9.67 -0.51 15.82
CG GGB C . -10.24 -1.61 14.98
C GGB C . -8.08 -0.08 17.62
OD GGB C . -10.14 -1.26 13.58
NE GGB C . -11.09 -1.93 12.90
CZ GGB C . -10.70 -3.04 12.13
NH1 GGB C . -11.57 -3.72 11.45
NH2 GGB C . -9.30 -3.42 12.12
O GGB C . -7.96 0.08 18.86
OXT GGB C . -7.40 0.62 16.86
N GGB D . 17.72 8.02 -5.70
CA GGB D . 16.87 7.49 -4.67
CB GGB D . 16.43 6.07 -4.96
CG GGB D . 15.71 6.03 -6.26
C GGB D . 17.50 7.33 -3.32
OD GGB D . 14.77 4.98 -6.08
NE GGB D . 14.51 4.41 -7.28
CZ GGB D . 13.28 4.78 -7.87
NH1 GGB D . 12.49 5.65 -7.23
NH2 GGB D . 12.88 4.21 -9.13
O GGB D . 18.66 7.70 -3.09
OXT GGB D . 16.79 6.78 -2.44
#